data_2KLE
#
_entry.id   2KLE
#
_entity_poly.entity_id   1
_entity_poly.type   'polypeptide(L)'
_entity_poly.pdbx_seq_one_letter_code
;GSTAIGINDTYSEVKSDLAQQKAEMELSDLIRKGYHKALVKLKLKKNTVDDISESLRQGGGKLNFDELRQDLKGKGHTDA
EIEAIFTKYDQDGDQELTEHEHQQMRDDLEKEREDLDLDHSSL
;
_entity_poly.pdbx_strand_id   A
#
# COMPACT_ATOMS: atom_id res chain seq x y z
N ASP A 51 11.38 -10.68 -2.71
CA ASP A 51 10.70 -11.53 -3.68
C ASP A 51 9.37 -11.98 -3.11
N ILE A 52 9.37 -12.33 -1.84
CA ILE A 52 8.18 -12.82 -1.13
C ILE A 52 7.09 -11.74 -0.97
N SER A 53 7.47 -10.49 -0.94
CA SER A 53 6.53 -9.44 -0.73
C SER A 53 5.93 -8.91 -2.03
N GLU A 54 5.34 -7.73 -1.96
CA GLU A 54 4.51 -7.19 -2.97
C GLU A 54 5.23 -7.01 -4.33
N SER A 55 4.42 -6.76 -5.32
CA SER A 55 4.78 -6.88 -6.74
C SER A 55 6.12 -6.20 -7.24
N LEU A 56 6.20 -4.85 -7.38
CA LEU A 56 7.41 -4.16 -7.91
C LEU A 56 7.09 -2.67 -8.12
N ARG A 57 6.31 -2.36 -9.17
CA ARG A 57 5.98 -0.96 -9.47
C ARG A 57 5.02 -0.43 -8.40
N GLN A 58 4.05 -1.26 -8.09
CA GLN A 58 3.08 -0.99 -7.05
C GLN A 58 3.62 -1.43 -5.73
N GLY A 59 3.96 -2.72 -5.66
CA GLY A 59 4.45 -3.34 -4.45
C GLY A 59 5.77 -2.80 -3.93
N GLY A 60 6.36 -1.89 -4.68
CA GLY A 60 7.61 -1.32 -4.27
C GLY A 60 7.70 0.12 -4.65
N GLY A 61 6.78 0.92 -4.19
CA GLY A 61 6.85 2.31 -4.49
C GLY A 61 5.71 3.10 -3.92
N LYS A 62 4.53 2.85 -4.42
CA LYS A 62 3.38 3.64 -4.03
C LYS A 62 2.13 2.80 -4.13
N LEU A 63 1.04 3.23 -3.48
CA LEU A 63 -0.21 2.46 -3.54
C LEU A 63 -1.32 3.33 -4.05
N ASN A 64 -2.03 2.88 -5.03
CA ASN A 64 -3.12 3.71 -5.61
C ASN A 64 -4.29 2.81 -5.79
N PHE A 65 -5.50 3.22 -5.71
CA PHE A 65 -6.64 2.29 -5.97
C PHE A 65 -6.38 1.54 -7.28
N ASP A 66 -6.25 2.28 -8.36
CA ASP A 66 -6.03 1.72 -9.70
C ASP A 66 -4.67 1.07 -9.82
N GLU A 67 -3.71 1.53 -9.05
CA GLU A 67 -2.36 1.00 -9.13
C GLU A 67 -2.18 -0.13 -8.09
N LEU A 68 -2.83 0.01 -6.95
CA LEU A 68 -2.81 -0.99 -5.86
C LEU A 68 -3.27 -2.30 -6.40
N ARG A 69 -4.13 -2.22 -7.43
CA ARG A 69 -4.62 -3.38 -8.11
C ARG A 69 -3.47 -4.12 -8.63
N GLN A 70 -2.42 -3.49 -9.08
CA GLN A 70 -1.23 -4.19 -9.59
C GLN A 70 -0.78 -5.21 -8.58
N ASP A 71 -1.00 -4.88 -7.34
CA ASP A 71 -0.72 -5.76 -6.27
C ASP A 71 -1.82 -6.82 -6.12
N LEU A 72 -3.05 -6.35 -6.06
CA LEU A 72 -4.24 -7.17 -5.86
C LEU A 72 -5.21 -7.19 -7.06
N LYS A 73 -4.63 -7.33 -8.27
CA LYS A 73 -5.39 -7.35 -9.53
C LYS A 73 -6.41 -8.47 -9.60
N GLY A 74 -7.66 -8.10 -9.45
CA GLY A 74 -8.72 -9.04 -9.63
C GLY A 74 -9.25 -9.50 -8.32
N LYS A 75 -10.26 -8.82 -7.80
CA LYS A 75 -10.82 -9.24 -6.54
C LYS A 75 -12.25 -8.78 -6.34
N GLY A 76 -12.55 -7.59 -6.78
CA GLY A 76 -13.82 -7.03 -6.54
C GLY A 76 -14.60 -7.01 -7.82
N HIS A 77 -15.81 -6.53 -7.77
CA HIS A 77 -16.67 -6.53 -8.95
C HIS A 77 -16.50 -5.26 -9.76
N THR A 78 -17.09 -4.19 -9.29
CA THR A 78 -16.99 -2.92 -9.96
C THR A 78 -16.04 -2.02 -9.14
N ASP A 79 -15.31 -1.13 -9.80
CA ASP A 79 -14.36 -0.22 -9.13
C ASP A 79 -15.03 0.56 -8.03
N ALA A 80 -16.29 0.92 -8.25
CA ALA A 80 -17.08 1.69 -7.27
C ALA A 80 -17.21 0.98 -5.94
N GLU A 81 -17.44 -0.29 -6.01
CA GLU A 81 -17.57 -1.13 -4.84
C GLU A 81 -16.29 -1.20 -4.05
N ILE A 82 -15.21 -1.36 -4.75
CA ILE A 82 -13.90 -1.52 -4.15
C ILE A 82 -13.37 -0.19 -3.67
N GLU A 83 -13.64 0.82 -4.43
CA GLU A 83 -13.20 2.17 -4.15
C GLU A 83 -13.82 2.67 -2.83
N ALA A 84 -15.09 2.45 -2.67
CA ALA A 84 -15.80 2.81 -1.46
C ALA A 84 -15.38 1.94 -0.27
N ILE A 85 -15.38 0.62 -0.48
CA ILE A 85 -15.14 -0.35 0.58
C ILE A 85 -13.81 -0.06 1.28
N PHE A 86 -12.78 0.21 0.49
CA PHE A 86 -11.46 0.42 1.01
C PHE A 86 -11.42 1.71 1.85
N THR A 87 -12.20 2.66 1.49
CA THR A 87 -12.17 3.95 2.14
C THR A 87 -12.47 3.77 3.63
N LYS A 88 -13.36 2.83 3.91
CA LYS A 88 -13.73 2.55 5.27
C LYS A 88 -12.88 1.38 5.85
N TYR A 89 -12.74 0.30 5.10
CA TYR A 89 -12.07 -0.91 5.61
C TYR A 89 -10.58 -1.03 5.27
N ASP A 90 -10.08 -0.32 4.27
CA ASP A 90 -8.65 -0.35 3.91
C ASP A 90 -7.82 0.18 5.04
N GLN A 91 -6.57 -0.26 5.08
CA GLN A 91 -5.63 0.15 6.07
C GLN A 91 -5.48 1.66 6.11
N ASP A 92 -5.33 2.29 4.96
CA ASP A 92 -5.15 3.71 4.96
C ASP A 92 -6.35 4.47 4.44
N GLY A 93 -7.31 3.75 3.86
CA GLY A 93 -8.53 4.41 3.32
C GLY A 93 -8.22 5.47 2.26
N ASP A 94 -6.99 5.47 1.78
CA ASP A 94 -6.54 6.44 0.83
C ASP A 94 -6.47 5.84 -0.54
N GLN A 95 -5.58 4.82 -0.68
CA GLN A 95 -5.42 3.98 -1.88
C GLN A 95 -5.56 4.79 -3.16
N GLU A 96 -4.46 5.45 -3.56
CA GLU A 96 -4.36 6.36 -4.75
C GLU A 96 -3.18 7.34 -4.58
N LEU A 97 -2.23 7.03 -3.71
CA LEU A 97 -1.17 8.00 -3.38
C LEU A 97 0.19 7.52 -3.92
N THR A 98 0.89 8.37 -4.66
CA THR A 98 2.15 8.00 -5.21
C THR A 98 3.28 8.25 -4.19
N GLU A 99 4.48 7.73 -4.48
CA GLU A 99 5.66 7.90 -3.66
C GLU A 99 5.93 9.39 -3.53
N HIS A 100 5.67 10.14 -4.60
CA HIS A 100 5.92 11.58 -4.60
C HIS A 100 4.98 12.29 -3.65
N GLU A 101 3.76 11.81 -3.58
CA GLU A 101 2.77 12.43 -2.68
C GLU A 101 3.02 12.01 -1.24
N HIS A 102 3.35 10.74 -1.08
CA HIS A 102 3.67 10.14 0.21
C HIS A 102 4.89 10.83 0.81
N GLN A 103 5.81 11.22 -0.07
CA GLN A 103 7.02 11.91 0.31
C GLN A 103 6.72 13.22 1.03
N GLN A 104 5.70 13.90 0.57
CA GLN A 104 5.35 15.20 1.13
C GLN A 104 4.43 15.09 2.36
N MET A 105 3.44 14.22 2.25
CA MET A 105 2.32 14.22 3.21
C MET A 105 2.54 13.59 4.59
N ARG A 106 2.44 12.29 4.75
CA ARG A 106 2.55 11.72 6.07
C ARG A 106 3.93 11.45 6.47
N ASP A 107 4.07 11.34 7.74
CA ASP A 107 5.34 11.16 8.38
C ASP A 107 5.29 9.90 9.24
N ASP A 108 5.47 8.74 8.61
CA ASP A 108 5.41 7.47 9.35
C ASP A 108 6.69 7.23 10.09
N LEU A 109 7.77 7.29 9.37
CA LEU A 109 9.11 6.93 9.89
C LEU A 109 9.61 8.04 10.80
N GLU A 110 9.01 9.24 10.68
CA GLU A 110 9.34 10.34 11.56
C GLU A 110 9.04 9.93 12.99
N LYS A 111 8.04 9.06 13.13
CA LYS A 111 7.52 8.65 14.39
C LYS A 111 7.21 7.14 14.43
N GLU A 112 8.24 6.34 14.27
CA GLU A 112 8.14 4.86 14.24
C GLU A 112 9.56 4.31 14.18
N ARG A 113 9.77 3.21 14.86
CA ARG A 113 11.07 2.56 14.85
C ARG A 113 10.97 1.12 14.38
N GLU A 114 11.62 0.82 13.29
CA GLU A 114 11.65 -0.53 12.76
C GLU A 114 12.64 -1.40 13.53
N ASP A 115 12.40 -2.68 13.48
CA ASP A 115 13.28 -3.66 14.10
C ASP A 115 14.34 -4.04 13.04
N LEU A 116 15.41 -4.69 13.45
CA LEU A 116 16.48 -5.00 12.54
C LEU A 116 16.20 -6.34 11.89
N ASP A 117 15.49 -6.26 10.79
CA ASP A 117 15.02 -7.44 10.04
C ASP A 117 15.90 -7.64 8.80
N LEU A 118 15.64 -8.68 8.04
CA LEU A 118 16.46 -9.01 6.90
C LEU A 118 15.70 -8.74 5.59
N ASP A 119 14.49 -9.26 5.48
CA ASP A 119 13.69 -9.11 4.22
C ASP A 119 12.18 -9.33 4.45
N HIS A 120 11.81 -10.57 4.60
CA HIS A 120 10.48 -11.02 4.95
C HIS A 120 10.74 -12.14 5.92
N SER A 121 9.87 -12.37 6.84
CA SER A 121 10.11 -13.32 7.92
C SER A 121 8.85 -13.59 8.70
N SER A 122 7.78 -13.70 7.98
CA SER A 122 6.53 -14.03 8.62
C SER A 122 6.45 -15.54 8.90
N LEU A 123 6.58 -15.90 10.14
CA LEU A 123 6.49 -17.25 10.57
C LEU A 123 5.33 -17.39 11.51
N ASP A 51 9.27 -6.84 3.70
CA ASP A 51 7.92 -6.70 4.26
C ASP A 51 7.11 -5.66 3.48
N ILE A 52 7.69 -4.48 3.31
CA ILE A 52 7.05 -3.37 2.61
C ILE A 52 6.89 -3.63 1.10
N SER A 53 7.91 -4.20 0.48
CA SER A 53 7.94 -4.36 -0.95
C SER A 53 7.32 -5.69 -1.33
N GLU A 54 6.38 -5.62 -2.23
CA GLU A 54 5.69 -6.78 -2.71
C GLU A 54 5.82 -7.01 -4.25
N SER A 55 4.85 -6.54 -5.06
CA SER A 55 4.87 -6.79 -6.52
C SER A 55 6.15 -6.26 -7.25
N LEU A 56 6.28 -4.91 -7.41
CA LEU A 56 7.45 -4.27 -8.06
C LEU A 56 7.16 -2.77 -8.20
N ARG A 57 6.41 -2.37 -9.25
CA ARG A 57 6.08 -0.95 -9.44
C ARG A 57 5.09 -0.43 -8.43
N GLN A 58 4.09 -1.20 -8.18
CA GLN A 58 3.10 -0.90 -7.19
C GLN A 58 3.63 -1.36 -5.86
N GLY A 59 3.99 -2.62 -5.84
CA GLY A 59 4.45 -3.28 -4.64
C GLY A 59 5.71 -2.68 -4.03
N GLY A 60 6.41 -1.85 -4.77
CA GLY A 60 7.61 -1.27 -4.25
C GLY A 60 7.73 0.18 -4.61
N GLY A 61 6.72 0.94 -4.30
CA GLY A 61 6.79 2.33 -4.60
C GLY A 61 5.66 3.10 -4.01
N LYS A 62 4.48 2.83 -4.47
CA LYS A 62 3.34 3.61 -4.07
C LYS A 62 2.09 2.77 -4.14
N LEU A 63 1.00 3.20 -3.51
CA LEU A 63 -0.25 2.42 -3.57
C LEU A 63 -1.38 3.32 -4.04
N ASN A 64 -2.09 2.90 -5.05
CA ASN A 64 -3.19 3.74 -5.63
C ASN A 64 -4.35 2.84 -5.86
N PHE A 65 -5.58 3.23 -5.79
CA PHE A 65 -6.71 2.32 -6.09
C PHE A 65 -6.45 1.51 -7.39
N ASP A 66 -6.32 2.21 -8.52
CA ASP A 66 -6.09 1.55 -9.83
C ASP A 66 -4.70 0.90 -9.87
N GLU A 67 -3.77 1.46 -9.12
CA GLU A 67 -2.41 0.98 -9.20
C GLU A 67 -2.21 -0.13 -8.15
N LEU A 68 -2.88 0.02 -7.01
CA LEU A 68 -2.84 -0.95 -5.90
C LEU A 68 -3.30 -2.28 -6.40
N ARG A 69 -4.16 -2.24 -7.42
CA ARG A 69 -4.65 -3.43 -8.05
C ARG A 69 -3.49 -4.19 -8.54
N GLN A 70 -2.46 -3.56 -9.00
CA GLN A 70 -1.26 -4.28 -9.50
C GLN A 70 -0.78 -5.24 -8.44
N ASP A 71 -0.99 -4.85 -7.22
CA ASP A 71 -0.66 -5.67 -6.08
C ASP A 71 -1.74 -6.74 -5.88
N LEU A 72 -2.98 -6.30 -5.83
CA LEU A 72 -4.13 -7.14 -5.60
C LEU A 72 -5.11 -7.24 -6.81
N LYS A 73 -4.56 -7.40 -8.00
CA LYS A 73 -5.35 -7.49 -9.23
C LYS A 73 -6.33 -8.66 -9.16
N GLY A 74 -7.60 -8.37 -9.27
CA GLY A 74 -8.61 -9.39 -9.18
C GLY A 74 -9.09 -9.56 -7.72
N LYS A 75 -10.25 -9.00 -7.40
CA LYS A 75 -10.76 -9.00 -6.01
C LYS A 75 -12.20 -8.49 -5.93
N GLY A 76 -12.53 -7.55 -6.79
CA GLY A 76 -13.82 -6.92 -6.72
C GLY A 76 -14.50 -6.84 -8.05
N HIS A 77 -15.78 -6.50 -8.05
CA HIS A 77 -16.55 -6.38 -9.28
C HIS A 77 -16.40 -4.99 -9.90
N THR A 78 -17.10 -4.01 -9.39
CA THR A 78 -16.99 -2.67 -9.94
C THR A 78 -16.05 -1.81 -9.16
N ASP A 79 -15.43 -0.86 -9.84
CA ASP A 79 -14.49 0.09 -9.22
C ASP A 79 -15.16 0.79 -8.06
N ALA A 80 -16.44 1.08 -8.21
CA ALA A 80 -17.22 1.81 -7.23
C ALA A 80 -17.34 1.06 -5.93
N GLU A 81 -17.57 -0.23 -6.02
CA GLU A 81 -17.69 -1.09 -4.86
C GLU A 81 -16.41 -1.16 -4.09
N ILE A 82 -15.32 -1.31 -4.79
CA ILE A 82 -14.01 -1.48 -4.19
C ILE A 82 -13.49 -0.15 -3.68
N GLU A 83 -13.74 0.89 -4.44
CA GLU A 83 -13.28 2.22 -4.13
C GLU A 83 -13.89 2.70 -2.81
N ALA A 84 -15.17 2.48 -2.63
CA ALA A 84 -15.89 2.82 -1.40
C ALA A 84 -15.47 1.91 -0.23
N ILE A 85 -15.49 0.60 -0.48
CA ILE A 85 -15.24 -0.40 0.57
C ILE A 85 -13.90 -0.14 1.24
N PHE A 86 -12.87 0.12 0.44
CA PHE A 86 -11.55 0.33 0.96
C PHE A 86 -11.48 1.61 1.81
N THR A 87 -12.26 2.58 1.48
CA THR A 87 -12.20 3.86 2.14
C THR A 87 -12.47 3.67 3.64
N LYS A 88 -13.35 2.73 3.92
CA LYS A 88 -13.68 2.40 5.27
C LYS A 88 -12.82 1.21 5.81
N TYR A 89 -12.72 0.14 5.03
CA TYR A 89 -12.03 -1.10 5.49
C TYR A 89 -10.55 -1.21 5.11
N ASP A 90 -10.09 -0.45 4.15
CA ASP A 90 -8.66 -0.49 3.76
C ASP A 90 -7.79 -0.02 4.89
N GLN A 91 -6.57 -0.48 4.89
CA GLN A 91 -5.60 -0.10 5.86
C GLN A 91 -5.40 1.40 5.90
N ASP A 92 -5.27 2.04 4.74
CA ASP A 92 -5.05 3.45 4.78
C ASP A 92 -6.24 4.26 4.35
N GLY A 93 -7.27 3.59 3.78
CA GLY A 93 -8.48 4.30 3.36
C GLY A 93 -8.18 5.46 2.41
N ASP A 94 -7.05 5.37 1.74
CA ASP A 94 -6.64 6.41 0.82
C ASP A 94 -6.57 5.86 -0.57
N GLN A 95 -5.67 4.87 -0.75
CA GLN A 95 -5.50 4.05 -1.96
C GLN A 95 -5.63 4.89 -3.24
N GLU A 96 -4.51 5.51 -3.65
CA GLU A 96 -4.39 6.40 -4.86
C GLU A 96 -3.19 7.39 -4.70
N LEU A 97 -2.24 7.06 -3.84
CA LEU A 97 -1.17 8.02 -3.52
C LEU A 97 0.19 7.53 -4.02
N THR A 98 0.94 8.39 -4.72
CA THR A 98 2.23 7.99 -5.21
C THR A 98 3.31 8.27 -4.16
N GLU A 99 4.52 7.72 -4.38
CA GLU A 99 5.67 7.92 -3.51
C GLU A 99 5.96 9.41 -3.42
N HIS A 100 5.67 10.14 -4.53
CA HIS A 100 5.92 11.58 -4.56
C HIS A 100 4.99 12.27 -3.61
N GLU A 101 3.72 11.84 -3.60
CA GLU A 101 2.73 12.48 -2.74
C GLU A 101 2.97 12.12 -1.28
N HIS A 102 3.26 10.87 -1.08
CA HIS A 102 3.54 10.27 0.21
C HIS A 102 4.80 10.86 0.82
N GLN A 103 5.73 11.25 -0.03
CA GLN A 103 6.99 11.84 0.36
C GLN A 103 6.80 13.15 1.10
N GLN A 104 5.84 13.90 0.66
CA GLN A 104 5.62 15.23 1.18
C GLN A 104 4.73 15.19 2.42
N MET A 105 3.69 14.41 2.37
CA MET A 105 2.63 14.50 3.38
C MET A 105 2.91 13.81 4.72
N ARG A 106 2.62 12.53 4.84
CA ARG A 106 2.76 11.88 6.11
C ARG A 106 4.16 11.47 6.41
N ASP A 107 4.33 10.99 7.61
CA ASP A 107 5.58 10.66 8.13
C ASP A 107 5.47 9.30 8.83
N ASP A 108 5.91 8.25 8.17
CA ASP A 108 5.87 6.89 8.77
C ASP A 108 7.10 6.63 9.59
N LEU A 109 8.23 6.78 8.98
CA LEU A 109 9.54 6.44 9.62
C LEU A 109 9.96 7.56 10.58
N GLU A 110 9.35 8.74 10.41
CA GLU A 110 9.60 9.87 11.30
C GLU A 110 9.18 9.50 12.69
N LYS A 111 8.15 8.67 12.77
CA LYS A 111 7.50 8.37 13.98
C LYS A 111 7.13 6.91 14.04
N GLU A 112 8.12 6.09 14.25
CA GLU A 112 8.01 4.67 14.37
C GLU A 112 9.35 4.25 14.87
N ARG A 113 9.37 3.34 15.77
CA ARG A 113 10.59 2.89 16.33
C ARG A 113 10.87 1.52 15.83
N GLU A 114 11.99 1.38 15.21
CA GLU A 114 12.42 0.12 14.67
C GLU A 114 13.26 -0.61 15.68
N ASP A 115 13.21 -1.92 15.62
CA ASP A 115 14.00 -2.73 16.53
C ASP A 115 15.40 -2.83 15.97
N LEU A 116 16.33 -3.17 16.79
CA LEU A 116 17.66 -3.32 16.37
C LEU A 116 17.87 -4.78 16.07
N ASP A 117 17.71 -5.13 14.82
CA ASP A 117 17.80 -6.52 14.39
C ASP A 117 19.19 -6.77 13.87
N LEU A 118 19.46 -7.94 13.39
CA LEU A 118 20.76 -8.22 12.88
C LEU A 118 20.69 -8.47 11.36
N ASP A 119 19.81 -9.34 10.95
CA ASP A 119 19.70 -9.72 9.51
C ASP A 119 18.31 -10.26 9.17
N HIS A 120 18.07 -11.47 9.58
CA HIS A 120 16.80 -12.17 9.47
C HIS A 120 16.69 -12.87 10.81
N SER A 121 15.52 -13.15 11.26
CA SER A 121 15.33 -13.67 12.61
C SER A 121 13.94 -14.20 12.80
N SER A 122 13.37 -14.70 11.76
CA SER A 122 12.15 -15.40 11.88
C SER A 122 12.51 -16.89 12.01
N LEU A 123 12.62 -17.36 13.22
CA LEU A 123 12.97 -18.74 13.49
C LEU A 123 12.15 -19.23 14.65
N ASP A 51 3.80 -11.93 -1.81
CA ASP A 51 3.43 -12.14 -0.38
C ASP A 51 4.58 -11.78 0.50
N ILE A 52 5.73 -12.36 0.20
CA ILE A 52 6.95 -12.04 0.92
C ILE A 52 7.30 -10.58 0.56
N SER A 53 7.40 -10.32 -0.72
CA SER A 53 7.56 -9.03 -1.22
C SER A 53 6.22 -8.65 -1.82
N GLU A 54 6.06 -7.42 -2.17
CA GLU A 54 4.91 -7.02 -2.86
C GLU A 54 5.32 -7.03 -4.34
N SER A 55 4.44 -6.70 -5.23
CA SER A 55 4.67 -6.96 -6.65
C SER A 55 5.96 -6.37 -7.31
N LEU A 56 6.02 -5.05 -7.56
CA LEU A 56 7.19 -4.38 -8.21
C LEU A 56 7.04 -2.87 -8.21
N ARG A 57 6.41 -2.32 -9.25
CA ARG A 57 6.20 -0.88 -9.32
C ARG A 57 5.18 -0.38 -8.33
N GLN A 58 4.14 -1.14 -8.16
CA GLN A 58 3.13 -0.84 -7.19
C GLN A 58 3.59 -1.34 -5.86
N GLY A 59 4.02 -2.58 -5.88
CA GLY A 59 4.44 -3.26 -4.68
C GLY A 59 5.59 -2.59 -3.97
N GLY A 60 6.39 -1.87 -4.71
CA GLY A 60 7.52 -1.25 -4.14
C GLY A 60 7.62 0.18 -4.49
N GLY A 61 6.72 0.97 -4.03
CA GLY A 61 6.82 2.34 -4.29
C GLY A 61 5.66 3.13 -3.79
N LYS A 62 4.51 2.86 -4.33
CA LYS A 62 3.35 3.65 -4.00
C LYS A 62 2.12 2.81 -4.14
N LEU A 63 1.02 3.21 -3.52
CA LEU A 63 -0.22 2.42 -3.62
C LEU A 63 -1.33 3.31 -4.09
N ASN A 64 -2.04 2.90 -5.09
CA ASN A 64 -3.11 3.73 -5.67
C ASN A 64 -4.27 2.84 -5.88
N PHE A 65 -5.49 3.23 -5.80
CA PHE A 65 -6.63 2.31 -6.08
C PHE A 65 -6.39 1.51 -7.37
N ASP A 66 -6.31 2.19 -8.50
CA ASP A 66 -6.06 1.54 -9.81
C ASP A 66 -4.66 0.94 -9.91
N GLU A 67 -3.73 1.51 -9.19
CA GLU A 67 -2.36 1.01 -9.23
C GLU A 67 -2.18 -0.11 -8.21
N LEU A 68 -2.81 0.02 -7.06
CA LEU A 68 -2.78 -0.97 -5.97
C LEU A 68 -3.23 -2.28 -6.47
N ARG A 69 -4.10 -2.23 -7.48
CA ARG A 69 -4.59 -3.41 -8.12
C ARG A 69 -3.43 -4.17 -8.62
N GLN A 70 -2.39 -3.53 -9.09
CA GLN A 70 -1.20 -4.24 -9.60
C GLN A 70 -0.73 -5.23 -8.56
N ASP A 71 -0.95 -4.85 -7.32
CA ASP A 71 -0.63 -5.69 -6.21
C ASP A 71 -1.71 -6.75 -6.01
N LEU A 72 -2.94 -6.31 -5.96
CA LEU A 72 -4.10 -7.15 -5.72
C LEU A 72 -5.08 -7.23 -6.90
N LYS A 73 -4.55 -7.38 -8.11
CA LYS A 73 -5.34 -7.45 -9.33
C LYS A 73 -6.34 -8.61 -9.27
N GLY A 74 -7.61 -8.31 -9.55
CA GLY A 74 -8.65 -9.32 -9.50
C GLY A 74 -9.12 -9.54 -8.05
N LYS A 75 -10.26 -8.94 -7.67
CA LYS A 75 -10.70 -9.02 -6.25
C LYS A 75 -12.13 -8.53 -6.03
N GLY A 76 -12.56 -7.61 -6.86
CA GLY A 76 -13.84 -7.00 -6.65
C GLY A 76 -14.66 -7.00 -7.92
N HIS A 77 -15.92 -6.63 -7.82
CA HIS A 77 -16.80 -6.57 -8.98
C HIS A 77 -16.66 -5.25 -9.70
N THR A 78 -17.23 -4.20 -9.13
CA THR A 78 -17.10 -2.91 -9.74
C THR A 78 -16.14 -2.05 -8.97
N ASP A 79 -15.44 -1.19 -9.71
CA ASP A 79 -14.45 -0.28 -9.15
C ASP A 79 -15.07 0.58 -8.06
N ALA A 80 -16.35 0.92 -8.25
CA ALA A 80 -17.10 1.75 -7.31
C ALA A 80 -17.23 1.09 -5.96
N GLU A 81 -17.51 -0.19 -5.97
CA GLU A 81 -17.65 -0.98 -4.78
C GLU A 81 -16.35 -1.07 -4.02
N ILE A 82 -15.29 -1.27 -4.73
CA ILE A 82 -13.97 -1.45 -4.14
C ILE A 82 -13.41 -0.11 -3.69
N GLU A 83 -13.67 0.91 -4.46
CA GLU A 83 -13.19 2.25 -4.19
C GLU A 83 -13.79 2.78 -2.87
N ALA A 84 -15.05 2.57 -2.69
CA ALA A 84 -15.74 2.96 -1.46
C ALA A 84 -15.33 2.08 -0.26
N ILE A 85 -15.37 0.75 -0.46
CA ILE A 85 -15.13 -0.23 0.61
C ILE A 85 -13.79 0.02 1.27
N PHE A 86 -12.76 0.26 0.46
CA PHE A 86 -11.45 0.45 0.98
C PHE A 86 -11.36 1.74 1.80
N THR A 87 -12.11 2.72 1.44
CA THR A 87 -12.02 4.02 2.08
C THR A 87 -12.32 3.87 3.58
N LYS A 88 -13.24 3.00 3.89
CA LYS A 88 -13.62 2.74 5.26
C LYS A 88 -12.84 1.53 5.85
N TYR A 89 -12.72 0.44 5.09
CA TYR A 89 -12.09 -0.80 5.59
C TYR A 89 -10.59 -0.96 5.27
N ASP A 90 -10.09 -0.29 4.26
CA ASP A 90 -8.66 -0.40 3.88
C ASP A 90 -7.75 0.08 4.97
N GLN A 91 -6.53 -0.45 4.96
CA GLN A 91 -5.53 -0.08 5.91
C GLN A 91 -5.28 1.40 5.93
N ASP A 92 -5.16 2.02 4.77
CA ASP A 92 -4.91 3.44 4.78
C ASP A 92 -6.10 4.25 4.33
N GLY A 93 -7.12 3.59 3.78
CA GLY A 93 -8.34 4.29 3.33
C GLY A 93 -8.08 5.36 2.28
N ASP A 94 -6.87 5.40 1.75
CA ASP A 94 -6.50 6.40 0.78
C ASP A 94 -6.47 5.83 -0.58
N GLN A 95 -5.59 4.81 -0.76
CA GLN A 95 -5.46 4.00 -1.98
C GLN A 95 -5.58 4.85 -3.25
N GLU A 96 -4.47 5.49 -3.65
CA GLU A 96 -4.34 6.40 -4.84
C GLU A 96 -3.14 7.37 -4.64
N LEU A 97 -2.20 7.03 -3.75
CA LEU A 97 -1.13 8.00 -3.41
C LEU A 97 0.22 7.54 -3.91
N THR A 98 0.91 8.39 -4.63
CA THR A 98 2.21 8.03 -5.15
C THR A 98 3.30 8.29 -4.10
N GLU A 99 4.51 7.77 -4.35
CA GLU A 99 5.66 7.96 -3.50
C GLU A 99 5.92 9.44 -3.35
N HIS A 100 5.71 10.18 -4.44
CA HIS A 100 5.96 11.62 -4.40
C HIS A 100 4.96 12.32 -3.53
N GLU A 101 3.73 11.87 -3.53
CA GLU A 101 2.72 12.50 -2.70
C GLU A 101 2.92 12.10 -1.23
N HIS A 102 3.24 10.85 -1.02
CA HIS A 102 3.50 10.24 0.28
C HIS A 102 4.76 10.83 0.91
N GLN A 103 5.69 11.26 0.07
CA GLN A 103 6.91 11.93 0.51
C GLN A 103 6.56 13.21 1.25
N GLN A 104 5.58 13.90 0.74
CA GLN A 104 5.16 15.19 1.29
C GLN A 104 4.15 14.99 2.43
N MET A 105 3.22 14.10 2.21
CA MET A 105 2.09 13.94 3.05
C MET A 105 2.27 12.75 3.96
N ARG A 106 2.52 13.03 5.21
CA ARG A 106 2.65 12.07 6.29
C ARG A 106 4.04 11.69 6.64
N ASP A 107 4.16 11.19 7.82
CA ASP A 107 5.40 10.84 8.43
C ASP A 107 5.25 9.53 9.23
N ASP A 108 5.46 8.39 8.59
CA ASP A 108 5.36 7.08 9.28
C ASP A 108 6.64 6.75 10.01
N LEU A 109 7.74 6.83 9.28
CA LEU A 109 9.07 6.44 9.81
C LEU A 109 9.57 7.51 10.76
N GLU A 110 8.98 8.72 10.67
CA GLU A 110 9.33 9.82 11.58
C GLU A 110 9.16 9.35 13.01
N LYS A 111 8.17 8.49 13.21
CA LYS A 111 7.78 8.12 14.52
C LYS A 111 7.46 6.65 14.68
N GLU A 112 8.39 5.86 14.27
CA GLU A 112 8.30 4.41 14.42
C GLU A 112 9.70 3.87 14.36
N ARG A 113 10.05 3.05 15.31
CA ARG A 113 11.36 2.50 15.36
C ARG A 113 11.29 1.04 15.06
N GLU A 114 12.15 0.60 14.17
CA GLU A 114 12.23 -0.78 13.79
C GLU A 114 12.68 -1.65 14.97
N ASP A 115 12.33 -2.89 14.92
CA ASP A 115 12.75 -3.84 15.92
C ASP A 115 14.10 -4.38 15.53
N LEU A 116 14.79 -4.99 16.43
CA LEU A 116 16.09 -5.51 16.13
C LEU A 116 15.88 -6.91 15.59
N ASP A 117 15.69 -6.96 14.31
CA ASP A 117 15.31 -8.16 13.59
C ASP A 117 16.56 -8.84 13.09
N LEU A 118 16.49 -10.12 12.85
CA LEU A 118 17.65 -10.84 12.40
C LEU A 118 17.53 -11.13 10.90
N ASP A 119 16.42 -11.68 10.50
CA ASP A 119 16.25 -12.07 9.07
C ASP A 119 14.82 -12.00 8.56
N HIS A 120 13.97 -12.81 9.12
CA HIS A 120 12.54 -12.89 8.70
C HIS A 120 11.65 -12.97 9.95
N SER A 121 10.73 -13.85 10.02
CA SER A 121 9.82 -13.97 11.16
C SER A 121 9.27 -15.36 11.13
N SER A 122 10.20 -16.29 11.04
CA SER A 122 9.90 -17.65 11.10
C SER A 122 9.90 -18.09 12.56
N LEU A 123 8.74 -18.22 13.14
CA LEU A 123 8.62 -18.70 14.49
C LEU A 123 7.56 -19.75 14.50
N ASP A 51 3.16 -7.77 1.73
CA ASP A 51 4.12 -6.76 2.19
C ASP A 51 5.53 -7.17 1.84
N ILE A 52 5.81 -8.47 1.88
CA ILE A 52 7.17 -8.95 1.73
C ILE A 52 7.76 -8.72 0.34
N SER A 53 7.13 -9.24 -0.65
CA SER A 53 7.68 -9.14 -1.98
C SER A 53 6.97 -8.08 -2.77
N GLU A 54 5.66 -8.27 -2.90
CA GLU A 54 4.78 -7.43 -3.62
C GLU A 54 5.13 -7.37 -5.13
N SER A 55 4.31 -6.69 -5.86
CA SER A 55 4.36 -6.67 -7.32
C SER A 55 5.68 -6.23 -7.99
N LEU A 56 6.01 -4.95 -7.94
CA LEU A 56 7.15 -4.39 -8.65
C LEU A 56 7.08 -2.88 -8.52
N ARG A 57 6.33 -2.22 -9.41
CA ARG A 57 6.13 -0.80 -9.30
C ARG A 57 5.22 -0.41 -8.14
N GLN A 58 4.06 -1.02 -8.10
CA GLN A 58 3.10 -0.84 -7.02
C GLN A 58 3.70 -1.28 -5.71
N GLY A 59 4.18 -2.49 -5.72
CA GLY A 59 4.73 -3.09 -4.52
C GLY A 59 6.03 -2.46 -4.07
N GLY A 60 6.62 -1.67 -4.93
CA GLY A 60 7.85 -1.05 -4.60
C GLY A 60 7.86 0.39 -4.97
N GLY A 61 6.86 1.10 -4.57
CA GLY A 61 6.84 2.48 -4.89
C GLY A 61 5.71 3.21 -4.23
N LYS A 62 4.51 2.92 -4.65
CA LYS A 62 3.37 3.66 -4.16
C LYS A 62 2.12 2.80 -4.19
N LEU A 63 1.07 3.21 -3.48
CA LEU A 63 -0.20 2.43 -3.49
C LEU A 63 -1.33 3.31 -3.97
N ASN A 64 -2.06 2.87 -4.96
CA ASN A 64 -3.11 3.70 -5.58
C ASN A 64 -4.29 2.82 -5.78
N PHE A 65 -5.51 3.25 -5.76
CA PHE A 65 -6.65 2.32 -6.03
C PHE A 65 -6.37 1.50 -7.30
N ASP A 66 -6.22 2.19 -8.43
CA ASP A 66 -5.98 1.55 -9.74
C ASP A 66 -4.63 0.89 -9.78
N GLU A 67 -3.67 1.40 -9.03
CA GLU A 67 -2.34 0.85 -9.08
C GLU A 67 -2.18 -0.22 -8.00
N LEU A 68 -2.86 -0.04 -6.87
CA LEU A 68 -2.86 -1.00 -5.76
C LEU A 68 -3.33 -2.33 -6.26
N ARG A 69 -4.16 -2.28 -7.30
CA ARG A 69 -4.66 -3.48 -7.94
C ARG A 69 -3.50 -4.25 -8.39
N GLN A 70 -2.45 -3.63 -8.83
CA GLN A 70 -1.24 -4.35 -9.29
C GLN A 70 -0.81 -5.33 -8.21
N ASP A 71 -1.07 -4.91 -7.00
CA ASP A 71 -0.83 -5.74 -5.87
C ASP A 71 -1.92 -6.77 -5.65
N LEU A 72 -3.15 -6.33 -5.65
CA LEU A 72 -4.32 -7.16 -5.43
C LEU A 72 -5.27 -7.28 -6.66
N LYS A 73 -4.68 -7.44 -7.86
CA LYS A 73 -5.42 -7.51 -9.14
C LYS A 73 -6.48 -8.59 -9.18
N GLY A 74 -7.72 -8.17 -9.05
CA GLY A 74 -8.81 -9.08 -9.23
C GLY A 74 -9.34 -9.55 -7.92
N LYS A 75 -10.29 -8.83 -7.37
CA LYS A 75 -10.87 -9.25 -6.12
C LYS A 75 -12.30 -8.79 -5.94
N GLY A 76 -12.59 -7.65 -6.49
CA GLY A 76 -13.88 -7.08 -6.34
C GLY A 76 -14.58 -7.06 -7.67
N HIS A 77 -15.80 -6.60 -7.69
CA HIS A 77 -16.57 -6.58 -8.92
C HIS A 77 -16.37 -5.30 -9.68
N THR A 78 -17.00 -4.24 -9.27
CA THR A 78 -16.82 -2.97 -9.94
C THR A 78 -15.91 -2.07 -9.16
N ASP A 79 -15.23 -1.17 -9.86
CA ASP A 79 -14.32 -0.22 -9.23
C ASP A 79 -15.03 0.56 -8.15
N ALA A 80 -16.30 0.87 -8.38
CA ALA A 80 -17.11 1.63 -7.44
C ALA A 80 -17.25 0.94 -6.10
N GLU A 81 -17.48 -0.34 -6.14
CA GLU A 81 -17.61 -1.16 -4.97
C GLU A 81 -16.32 -1.21 -4.18
N ILE A 82 -15.25 -1.36 -4.86
CA ILE A 82 -13.94 -1.50 -4.25
C ILE A 82 -13.43 -0.16 -3.76
N GLU A 83 -13.68 0.84 -4.54
CA GLU A 83 -13.27 2.18 -4.25
C GLU A 83 -13.92 2.68 -2.93
N ALA A 84 -15.19 2.44 -2.79
CA ALA A 84 -15.93 2.80 -1.57
C ALA A 84 -15.52 1.92 -0.37
N ILE A 85 -15.49 0.61 -0.58
CA ILE A 85 -15.23 -0.37 0.47
C ILE A 85 -13.90 -0.07 1.16
N PHE A 86 -12.89 0.22 0.36
CA PHE A 86 -11.56 0.43 0.88
C PHE A 86 -11.52 1.70 1.73
N THR A 87 -12.30 2.65 1.40
CA THR A 87 -12.27 3.92 2.09
C THR A 87 -12.58 3.69 3.58
N LYS A 88 -13.49 2.76 3.83
CA LYS A 88 -13.85 2.45 5.20
C LYS A 88 -13.02 1.27 5.76
N TYR A 89 -12.83 0.22 4.97
CA TYR A 89 -12.14 -0.99 5.43
C TYR A 89 -10.64 -1.08 5.12
N ASP A 90 -10.17 -0.35 4.12
CA ASP A 90 -8.72 -0.41 3.75
C ASP A 90 -7.84 0.10 4.86
N GLN A 91 -6.60 -0.37 4.87
CA GLN A 91 -5.62 0.03 5.84
C GLN A 91 -5.43 1.54 5.85
N ASP A 92 -5.34 2.17 4.69
CA ASP A 92 -5.11 3.59 4.66
C ASP A 92 -6.31 4.36 4.21
N GLY A 93 -7.34 3.67 3.69
CA GLY A 93 -8.58 4.34 3.25
C GLY A 93 -8.36 5.43 2.20
N ASP A 94 -7.16 5.52 1.68
CA ASP A 94 -6.80 6.53 0.72
C ASP A 94 -6.66 5.95 -0.65
N GLN A 95 -5.73 4.97 -0.79
CA GLN A 95 -5.54 4.18 -2.03
C GLN A 95 -5.61 5.03 -3.31
N GLU A 96 -4.46 5.60 -3.71
CA GLU A 96 -4.27 6.48 -4.92
C GLU A 96 -3.04 7.40 -4.71
N LEU A 97 -2.18 7.08 -3.74
CA LEU A 97 -1.10 8.00 -3.35
C LEU A 97 0.27 7.56 -3.88
N THR A 98 0.95 8.43 -4.62
CA THR A 98 2.24 8.08 -5.16
C THR A 98 3.35 8.34 -4.11
N GLU A 99 4.56 7.81 -4.38
CA GLU A 99 5.72 8.02 -3.53
C GLU A 99 5.95 9.50 -3.40
N HIS A 100 5.74 10.24 -4.49
CA HIS A 100 5.97 11.68 -4.45
C HIS A 100 5.00 12.36 -3.52
N GLU A 101 3.78 11.87 -3.45
CA GLU A 101 2.79 12.48 -2.54
C GLU A 101 3.08 12.08 -1.11
N HIS A 102 3.38 10.81 -0.94
CA HIS A 102 3.69 10.17 0.36
C HIS A 102 4.96 10.78 0.96
N GLN A 103 5.85 11.20 0.09
CA GLN A 103 7.12 11.82 0.44
C GLN A 103 6.87 13.10 1.23
N GLN A 104 5.87 13.83 0.81
CA GLN A 104 5.63 15.14 1.35
C GLN A 104 4.78 15.10 2.62
N MET A 105 3.80 14.22 2.63
CA MET A 105 2.78 14.26 3.67
C MET A 105 3.12 13.55 4.97
N ARG A 106 2.92 12.25 5.06
CA ARG A 106 3.17 11.58 6.30
C ARG A 106 4.61 11.20 6.51
N ASP A 107 4.88 10.88 7.72
CA ASP A 107 6.19 10.52 8.19
C ASP A 107 6.13 9.27 9.07
N ASP A 108 6.22 8.10 8.46
CA ASP A 108 6.11 6.82 9.18
C ASP A 108 7.43 6.44 9.82
N LEU A 109 8.49 6.57 9.05
CA LEU A 109 9.84 6.18 9.52
C LEU A 109 10.43 7.24 10.42
N GLU A 110 9.85 8.44 10.37
CA GLU A 110 10.24 9.56 11.26
C GLU A 110 10.10 9.16 12.70
N LYS A 111 9.14 8.30 12.93
CA LYS A 111 8.79 7.93 14.22
C LYS A 111 8.48 6.45 14.30
N GLU A 112 9.50 5.65 14.22
CA GLU A 112 9.42 4.21 14.30
C GLU A 112 10.85 3.72 14.38
N ARG A 113 11.12 2.81 15.26
CA ARG A 113 12.46 2.29 15.36
C ARG A 113 12.48 0.85 14.88
N GLU A 114 13.42 0.56 14.01
CA GLU A 114 13.58 -0.76 13.45
C GLU A 114 14.18 -1.68 14.51
N ASP A 115 13.79 -2.94 14.47
CA ASP A 115 14.31 -3.96 15.40
C ASP A 115 15.77 -4.27 15.05
N LEU A 116 16.49 -4.86 15.97
CA LEU A 116 17.87 -5.20 15.77
C LEU A 116 17.94 -6.58 15.16
N ASP A 117 17.88 -6.60 13.87
CA ASP A 117 17.78 -7.84 13.08
C ASP A 117 19.12 -8.13 12.42
N LEU A 118 19.21 -9.19 11.63
CA LEU A 118 20.47 -9.53 11.03
C LEU A 118 20.40 -9.25 9.52
N ASP A 119 19.54 -9.96 8.86
CA ASP A 119 19.39 -9.82 7.40
C ASP A 119 17.93 -9.67 7.01
N HIS A 120 17.24 -10.74 7.04
CA HIS A 120 15.82 -10.82 6.83
C HIS A 120 15.37 -11.87 7.83
N SER A 121 14.11 -11.98 8.11
CA SER A 121 13.64 -12.89 9.15
C SER A 121 12.14 -13.08 9.08
N SER A 122 11.60 -12.96 7.91
CA SER A 122 10.20 -13.19 7.75
C SER A 122 9.95 -14.67 7.49
N LEU A 123 9.45 -15.36 8.47
CA LEU A 123 9.15 -16.75 8.31
C LEU A 123 7.65 -16.84 8.18
N ASP A 51 5.54 -13.00 0.15
CA ASP A 51 4.82 -12.20 1.16
C ASP A 51 5.51 -10.86 1.41
N ILE A 52 6.79 -10.93 1.71
CA ILE A 52 7.63 -9.77 1.97
C ILE A 52 7.89 -8.91 0.69
N SER A 53 7.80 -9.56 -0.44
CA SER A 53 8.24 -9.00 -1.70
C SER A 53 7.17 -8.17 -2.38
N GLU A 54 7.62 -7.28 -3.21
CA GLU A 54 6.81 -6.35 -3.90
C GLU A 54 6.48 -6.93 -5.23
N SER A 55 5.35 -6.56 -5.74
CA SER A 55 4.99 -6.93 -7.08
C SER A 55 6.04 -6.40 -8.05
N LEU A 56 6.15 -5.08 -8.09
CA LEU A 56 7.17 -4.38 -8.85
C LEU A 56 7.00 -2.89 -8.60
N ARG A 57 6.33 -2.19 -9.50
CA ARG A 57 6.16 -0.77 -9.37
C ARG A 57 5.18 -0.34 -8.27
N GLN A 58 4.14 -1.09 -8.12
CA GLN A 58 3.13 -0.85 -7.10
C GLN A 58 3.64 -1.31 -5.78
N GLY A 59 4.14 -2.52 -5.80
CA GLY A 59 4.59 -3.14 -4.57
C GLY A 59 5.76 -2.42 -3.97
N GLY A 60 6.54 -1.77 -4.79
CA GLY A 60 7.71 -1.13 -4.31
C GLY A 60 7.79 0.30 -4.70
N GLY A 61 6.75 1.03 -4.44
CA GLY A 61 6.77 2.41 -4.78
C GLY A 61 5.68 3.20 -4.12
N LYS A 62 4.47 2.97 -4.54
CA LYS A 62 3.32 3.76 -4.11
C LYS A 62 2.07 2.92 -4.20
N LEU A 63 0.98 3.34 -3.54
CA LEU A 63 -0.27 2.54 -3.60
C LEU A 63 -1.37 3.39 -4.16
N ASN A 64 -2.06 2.91 -5.14
CA ASN A 64 -3.14 3.71 -5.75
C ASN A 64 -4.29 2.82 -5.95
N PHE A 65 -5.52 3.22 -5.89
CA PHE A 65 -6.66 2.29 -6.16
C PHE A 65 -6.38 1.48 -7.43
N ASP A 66 -6.26 2.15 -8.57
CA ASP A 66 -5.99 1.50 -9.86
C ASP A 66 -4.59 0.88 -9.94
N GLU A 67 -3.65 1.41 -9.19
CA GLU A 67 -2.28 0.89 -9.22
C GLU A 67 -2.12 -0.20 -8.14
N LEU A 68 -2.81 -0.02 -7.02
CA LEU A 68 -2.80 -0.98 -5.89
C LEU A 68 -3.25 -2.31 -6.37
N ARG A 69 -4.09 -2.29 -7.41
CA ARG A 69 -4.57 -3.49 -8.02
C ARG A 69 -3.39 -4.26 -8.47
N GLN A 70 -2.35 -3.64 -8.93
CA GLN A 70 -1.16 -4.37 -9.39
C GLN A 70 -0.68 -5.31 -8.31
N ASP A 71 -0.94 -4.89 -7.09
CA ASP A 71 -0.64 -5.70 -5.91
C ASP A 71 -1.72 -6.76 -5.73
N LEU A 72 -2.97 -6.32 -5.74
CA LEU A 72 -4.12 -7.16 -5.52
C LEU A 72 -5.06 -7.30 -6.72
N LYS A 73 -4.49 -7.47 -7.91
CA LYS A 73 -5.27 -7.59 -9.14
C LYS A 73 -6.24 -8.77 -9.08
N GLY A 74 -7.49 -8.49 -9.26
CA GLY A 74 -8.50 -9.50 -9.19
C GLY A 74 -9.00 -9.66 -7.76
N LYS A 75 -10.12 -9.03 -7.43
CA LYS A 75 -10.64 -9.03 -6.06
C LYS A 75 -12.12 -8.62 -6.01
N GLY A 76 -12.48 -7.62 -6.78
CA GLY A 76 -13.80 -7.05 -6.66
C GLY A 76 -14.57 -7.11 -7.95
N HIS A 77 -15.79 -6.65 -7.91
CA HIS A 77 -16.64 -6.63 -9.09
C HIS A 77 -16.54 -5.30 -9.81
N THR A 78 -17.13 -4.28 -9.24
CA THR A 78 -17.12 -2.99 -9.86
C THR A 78 -16.19 -2.07 -9.06
N ASP A 79 -15.51 -1.17 -9.75
CA ASP A 79 -14.53 -0.23 -9.15
C ASP A 79 -15.17 0.57 -8.04
N ALA A 80 -16.44 0.90 -8.20
CA ALA A 80 -17.20 1.67 -7.23
C ALA A 80 -17.31 0.97 -5.90
N GLU A 81 -17.55 -0.31 -5.95
CA GLU A 81 -17.65 -1.12 -4.75
C GLU A 81 -16.36 -1.19 -4.00
N ILE A 82 -15.30 -1.34 -4.71
CA ILE A 82 -13.98 -1.49 -4.13
C ILE A 82 -13.43 -0.13 -3.67
N GLU A 83 -13.71 0.89 -4.45
CA GLU A 83 -13.25 2.24 -4.17
C GLU A 83 -13.87 2.76 -2.86
N ALA A 84 -15.13 2.51 -2.68
CA ALA A 84 -15.86 2.89 -1.47
C ALA A 84 -15.44 2.03 -0.26
N ILE A 85 -15.42 0.71 -0.46
CA ILE A 85 -15.15 -0.24 0.63
C ILE A 85 -13.82 0.06 1.29
N PHE A 86 -12.79 0.31 0.46
CA PHE A 86 -11.47 0.53 0.99
C PHE A 86 -11.43 1.85 1.79
N THR A 87 -12.21 2.80 1.41
CA THR A 87 -12.16 4.10 2.03
C THR A 87 -12.45 3.97 3.53
N LYS A 88 -13.35 3.06 3.83
CA LYS A 88 -13.69 2.82 5.21
C LYS A 88 -12.88 1.65 5.82
N TYR A 89 -12.72 0.56 5.08
CA TYR A 89 -12.06 -0.64 5.63
C TYR A 89 -10.55 -0.72 5.35
N ASP A 90 -10.07 -0.08 4.30
CA ASP A 90 -8.64 -0.14 3.94
C ASP A 90 -7.78 0.46 5.01
N GLN A 91 -6.53 0.00 5.07
CA GLN A 91 -5.55 0.46 6.03
C GLN A 91 -5.36 1.96 5.99
N ASP A 92 -5.24 2.53 4.81
CA ASP A 92 -5.09 3.97 4.75
C ASP A 92 -6.31 4.69 4.22
N GLY A 93 -7.29 3.94 3.67
CA GLY A 93 -8.52 4.56 3.13
C GLY A 93 -8.25 5.61 2.05
N ASP A 94 -7.04 5.62 1.56
CA ASP A 94 -6.61 6.59 0.57
C ASP A 94 -6.58 5.96 -0.77
N GLN A 95 -5.69 4.96 -0.90
CA GLN A 95 -5.52 4.10 -2.08
C GLN A 95 -5.63 4.90 -3.38
N GLU A 96 -4.51 5.51 -3.79
CA GLU A 96 -4.39 6.40 -5.00
C GLU A 96 -3.20 7.37 -4.82
N LEU A 97 -2.29 7.09 -3.89
CA LEU A 97 -1.27 8.07 -3.53
C LEU A 97 0.11 7.65 -4.02
N THR A 98 0.80 8.54 -4.73
CA THR A 98 2.09 8.21 -5.26
C THR A 98 3.19 8.45 -4.22
N GLU A 99 4.39 7.94 -4.52
CA GLU A 99 5.57 8.06 -3.69
C GLU A 99 5.89 9.54 -3.49
N HIS A 100 5.59 10.35 -4.51
CA HIS A 100 5.82 11.79 -4.47
C HIS A 100 4.94 12.41 -3.40
N GLU A 101 3.69 11.98 -3.34
CA GLU A 101 2.74 12.56 -2.39
C GLU A 101 3.01 12.00 -0.99
N HIS A 102 3.20 10.70 -0.95
CA HIS A 102 3.44 9.93 0.27
C HIS A 102 4.74 10.39 0.94
N GLN A 103 5.66 10.88 0.12
CA GLN A 103 6.94 11.41 0.57
C GLN A 103 6.68 12.52 1.59
N GLN A 104 5.75 13.37 1.26
CA GLN A 104 5.42 14.53 2.06
C GLN A 104 4.39 14.19 3.13
N MET A 105 3.41 13.43 2.73
CA MET A 105 2.23 13.23 3.52
C MET A 105 2.27 11.91 4.26
N ARG A 106 2.52 12.01 5.53
CA ARG A 106 2.52 10.95 6.49
C ARG A 106 3.85 10.37 6.78
N ASP A 107 3.96 9.91 7.97
CA ASP A 107 5.18 9.33 8.46
C ASP A 107 4.87 7.99 9.08
N ASP A 108 4.79 6.97 8.25
CA ASP A 108 4.45 5.63 8.74
C ASP A 108 5.70 4.92 9.23
N LEU A 109 6.75 4.98 8.43
CA LEU A 109 8.01 4.26 8.76
C LEU A 109 8.74 4.97 9.88
N GLU A 110 8.42 6.26 10.08
CA GLU A 110 8.97 7.08 11.15
C GLU A 110 8.67 6.44 12.49
N LYS A 111 7.54 5.78 12.53
CA LYS A 111 7.06 5.18 13.70
C LYS A 111 6.44 3.81 13.38
N GLU A 112 7.28 2.92 12.96
CA GLU A 112 6.93 1.54 12.60
C GLU A 112 8.17 0.74 12.90
N ARG A 113 8.02 -0.44 13.43
CA ARG A 113 9.16 -1.24 13.75
C ARG A 113 9.24 -2.42 12.81
N GLU A 114 10.42 -2.68 12.31
CA GLU A 114 10.65 -3.82 11.46
C GLU A 114 10.55 -5.10 12.28
N ASP A 115 10.10 -6.16 11.66
CA ASP A 115 9.99 -7.43 12.34
C ASP A 115 11.34 -8.09 12.35
N LEU A 116 11.52 -9.03 13.22
CA LEU A 116 12.78 -9.71 13.30
C LEU A 116 12.70 -10.90 12.38
N ASP A 117 13.01 -10.67 11.15
CA ASP A 117 12.88 -11.67 10.10
C ASP A 117 14.22 -12.08 9.61
N LEU A 118 14.37 -13.33 9.35
CA LEU A 118 15.62 -13.91 8.96
C LEU A 118 15.85 -13.86 7.46
N ASP A 119 14.80 -13.92 6.71
CA ASP A 119 14.92 -14.01 5.26
C ASP A 119 15.34 -12.71 4.60
N HIS A 120 14.39 -11.91 4.28
CA HIS A 120 14.63 -10.66 3.62
C HIS A 120 13.63 -9.65 4.13
N SER A 121 13.86 -8.36 3.87
CA SER A 121 12.94 -7.27 4.33
C SER A 121 13.28 -5.91 3.64
N SER A 122 13.98 -5.93 2.51
CA SER A 122 14.31 -4.72 1.80
C SER A 122 13.45 -4.66 0.54
N LEU A 123 13.04 -3.50 0.15
CA LEU A 123 12.23 -3.36 -1.03
C LEU A 123 13.08 -2.82 -2.16
N ASP A 51 4.40 -12.30 -2.10
CA ASP A 51 3.89 -12.23 -0.73
C ASP A 51 4.97 -11.80 0.21
N ILE A 52 6.14 -12.47 0.16
CA ILE A 52 7.28 -12.04 0.96
C ILE A 52 7.71 -10.66 0.45
N SER A 53 7.79 -10.54 -0.86
CA SER A 53 7.95 -9.27 -1.53
C SER A 53 6.62 -8.92 -2.18
N GLU A 54 6.50 -7.73 -2.70
CA GLU A 54 5.31 -7.36 -3.38
C GLU A 54 5.62 -7.24 -4.85
N SER A 55 4.68 -6.77 -5.61
CA SER A 55 4.70 -6.88 -7.06
C SER A 55 5.95 -6.29 -7.81
N LEU A 56 6.09 -4.98 -7.87
CA LEU A 56 7.18 -4.34 -8.62
C LEU A 56 7.05 -2.83 -8.50
N ARG A 57 6.40 -2.18 -9.46
CA ARG A 57 6.20 -0.74 -9.38
C ARG A 57 5.18 -0.37 -8.32
N GLN A 58 4.15 -1.17 -8.21
CA GLN A 58 3.14 -0.98 -7.19
C GLN A 58 3.64 -1.53 -5.89
N GLY A 59 4.16 -2.72 -5.98
CA GLY A 59 4.61 -3.43 -4.82
C GLY A 59 5.82 -2.81 -4.17
N GLY A 60 6.48 -1.96 -4.89
CA GLY A 60 7.61 -1.30 -4.37
C GLY A 60 7.65 0.11 -4.81
N GLY A 61 6.88 0.95 -4.19
CA GLY A 61 6.93 2.31 -4.51
C GLY A 61 5.77 3.08 -3.99
N LYS A 62 4.59 2.79 -4.49
CA LYS A 62 3.44 3.56 -4.10
C LYS A 62 2.19 2.72 -4.18
N LEU A 63 1.09 3.17 -3.55
CA LEU A 63 -0.17 2.39 -3.64
C LEU A 63 -1.27 3.27 -4.16
N ASN A 64 -2.00 2.83 -5.13
CA ASN A 64 -3.08 3.66 -5.70
C ASN A 64 -4.26 2.79 -5.90
N PHE A 65 -5.47 3.21 -5.80
CA PHE A 65 -6.63 2.30 -6.11
C PHE A 65 -6.38 1.50 -7.38
N ASP A 66 -6.29 2.17 -8.53
CA ASP A 66 -6.00 1.50 -9.81
C ASP A 66 -4.60 0.91 -9.89
N GLU A 67 -3.67 1.45 -9.15
CA GLU A 67 -2.31 0.92 -9.21
C GLU A 67 -2.14 -0.18 -8.17
N LEU A 68 -2.81 -0.04 -7.04
CA LEU A 68 -2.79 -1.03 -5.95
C LEU A 68 -3.26 -2.32 -6.47
N ARG A 69 -4.12 -2.26 -7.48
CA ARG A 69 -4.63 -3.42 -8.14
C ARG A 69 -3.48 -4.19 -8.64
N GLN A 70 -2.44 -3.57 -9.10
CA GLN A 70 -1.26 -4.29 -9.61
C GLN A 70 -0.81 -5.31 -8.58
N ASP A 71 -1.01 -4.94 -7.36
CA ASP A 71 -0.71 -5.78 -6.26
C ASP A 71 -1.80 -6.82 -6.06
N LEU A 72 -3.03 -6.35 -5.99
CA LEU A 72 -4.19 -7.19 -5.77
C LEU A 72 -5.18 -7.24 -6.96
N LYS A 73 -4.64 -7.39 -8.16
CA LYS A 73 -5.43 -7.47 -9.39
C LYS A 73 -6.43 -8.63 -9.34
N GLY A 74 -7.67 -8.31 -9.09
CA GLY A 74 -8.69 -9.32 -9.05
C GLY A 74 -9.15 -9.59 -7.65
N LYS A 75 -10.21 -8.89 -7.21
CA LYS A 75 -10.75 -9.12 -5.87
C LYS A 75 -12.15 -8.57 -5.71
N GLY A 76 -12.45 -7.49 -6.40
CA GLY A 76 -13.74 -6.88 -6.24
C GLY A 76 -14.50 -6.92 -7.54
N HIS A 77 -15.74 -6.55 -7.51
CA HIS A 77 -16.57 -6.60 -8.70
C HIS A 77 -16.42 -5.34 -9.54
N THR A 78 -16.97 -4.25 -9.08
CA THR A 78 -16.93 -3.02 -9.81
C THR A 78 -16.08 -2.02 -9.06
N ASP A 79 -15.40 -1.14 -9.79
CA ASP A 79 -14.47 -0.13 -9.23
C ASP A 79 -15.13 0.68 -8.13
N ALA A 80 -16.41 0.95 -8.27
CA ALA A 80 -17.17 1.76 -7.31
C ALA A 80 -17.27 1.09 -5.97
N GLU A 81 -17.51 -0.18 -5.99
CA GLU A 81 -17.60 -0.99 -4.80
C GLU A 81 -16.28 -1.04 -4.07
N ILE A 82 -15.24 -1.22 -4.81
CA ILE A 82 -13.91 -1.37 -4.25
C ILE A 82 -13.37 -0.02 -3.79
N GLU A 83 -13.67 1.01 -4.53
CA GLU A 83 -13.20 2.35 -4.25
C GLU A 83 -13.79 2.85 -2.94
N ALA A 84 -15.06 2.64 -2.75
CA ALA A 84 -15.74 3.01 -1.51
C ALA A 84 -15.30 2.13 -0.32
N ILE A 85 -15.32 0.81 -0.53
CA ILE A 85 -15.05 -0.15 0.54
C ILE A 85 -13.71 0.12 1.18
N PHE A 86 -12.69 0.37 0.36
CA PHE A 86 -11.36 0.58 0.89
C PHE A 86 -11.30 1.87 1.73
N THR A 87 -12.06 2.82 1.38
CA THR A 87 -12.03 4.11 2.02
C THR A 87 -12.33 3.97 3.51
N LYS A 88 -13.23 3.06 3.82
CA LYS A 88 -13.55 2.77 5.20
C LYS A 88 -12.73 1.58 5.76
N TYR A 89 -12.64 0.50 4.98
CA TYR A 89 -12.03 -0.75 5.46
C TYR A 89 -10.53 -0.91 5.14
N ASP A 90 -10.02 -0.21 4.16
CA ASP A 90 -8.58 -0.31 3.77
C ASP A 90 -7.70 0.17 4.89
N GLN A 91 -6.47 -0.31 4.90
CA GLN A 91 -5.51 0.07 5.90
C GLN A 91 -5.31 1.58 5.93
N ASP A 92 -5.16 2.21 4.77
CA ASP A 92 -4.94 3.64 4.80
C ASP A 92 -6.12 4.44 4.33
N GLY A 93 -7.13 3.78 3.75
CA GLY A 93 -8.33 4.49 3.24
C GLY A 93 -7.97 5.62 2.26
N ASP A 94 -6.78 5.52 1.71
CA ASP A 94 -6.25 6.50 0.79
C ASP A 94 -6.27 5.92 -0.60
N GLN A 95 -5.44 4.87 -0.77
CA GLN A 95 -5.35 4.01 -1.95
C GLN A 95 -5.51 4.80 -3.25
N GLU A 96 -4.41 5.43 -3.68
CA GLU A 96 -4.33 6.32 -4.90
C GLU A 96 -3.18 7.33 -4.76
N LEU A 97 -2.21 7.02 -3.93
CA LEU A 97 -1.18 7.99 -3.62
C LEU A 97 0.21 7.50 -4.07
N THR A 98 0.97 8.33 -4.78
CA THR A 98 2.30 7.94 -5.21
C THR A 98 3.31 8.19 -4.09
N GLU A 99 4.53 7.66 -4.24
CA GLU A 99 5.60 7.82 -3.29
C GLU A 99 5.89 9.30 -3.12
N HIS A 100 5.76 10.07 -4.21
CA HIS A 100 6.03 11.50 -4.12
C HIS A 100 4.99 12.22 -3.31
N GLU A 101 3.74 11.75 -3.38
CA GLU A 101 2.68 12.41 -2.60
C GLU A 101 2.77 11.96 -1.13
N HIS A 102 3.07 10.70 -0.95
CA HIS A 102 3.22 10.05 0.34
C HIS A 102 4.39 10.66 1.08
N GLN A 103 5.37 11.08 0.33
CA GLN A 103 6.54 11.73 0.85
C GLN A 103 6.18 13.06 1.53
N GLN A 104 5.20 13.71 0.99
CA GLN A 104 4.77 15.02 1.47
C GLN A 104 3.73 14.96 2.60
N MET A 105 2.76 14.07 2.46
CA MET A 105 1.56 14.07 3.32
C MET A 105 1.72 13.40 4.71
N ARG A 106 1.54 12.08 4.82
CA ARG A 106 1.59 11.47 6.13
C ARG A 106 2.96 11.10 6.57
N ASP A 107 3.01 10.58 7.76
CA ASP A 107 4.20 10.34 8.44
C ASP A 107 4.15 8.99 9.13
N ASP A 108 4.76 7.97 8.56
CA ASP A 108 4.78 6.63 9.20
C ASP A 108 5.92 6.50 10.18
N LEU A 109 7.10 6.84 9.72
CA LEU A 109 8.35 6.66 10.52
C LEU A 109 8.43 7.73 11.61
N GLU A 110 7.65 8.82 11.42
CA GLU A 110 7.60 9.93 12.40
C GLU A 110 7.19 9.41 13.73
N LYS A 111 6.34 8.41 13.69
CA LYS A 111 5.78 7.87 14.84
C LYS A 111 5.51 6.39 14.68
N GLU A 112 6.56 5.62 14.73
CA GLU A 112 6.57 4.16 14.61
C GLU A 112 8.01 3.76 14.71
N ARG A 113 8.28 2.80 15.54
CA ARG A 113 9.63 2.37 15.77
C ARG A 113 9.80 0.90 15.47
N GLU A 114 10.69 0.60 14.57
CA GLU A 114 10.99 -0.73 14.14
C GLU A 114 11.61 -1.52 15.26
N ASP A 115 11.37 -2.82 15.28
CA ASP A 115 11.96 -3.70 16.29
C ASP A 115 13.41 -3.98 15.96
N LEU A 116 14.16 -4.41 16.94
CA LEU A 116 15.54 -4.70 16.75
C LEU A 116 15.66 -6.19 16.45
N ASP A 117 15.55 -6.49 15.19
CA ASP A 117 15.55 -7.87 14.70
C ASP A 117 16.96 -8.21 14.25
N LEU A 118 17.18 -9.40 13.74
CA LEU A 118 18.50 -9.77 13.28
C LEU A 118 18.52 -10.06 11.78
N ASP A 119 17.64 -10.93 11.33
CA ASP A 119 17.62 -11.32 9.89
C ASP A 119 16.25 -11.84 9.45
N HIS A 120 15.90 -12.94 9.99
CA HIS A 120 14.61 -13.59 9.88
C HIS A 120 14.33 -14.04 11.30
N SER A 121 13.12 -14.38 11.63
CA SER A 121 12.77 -14.68 13.02
C SER A 121 11.42 -15.34 13.15
N SER A 122 11.14 -16.22 12.23
CA SER A 122 9.94 -17.00 12.29
C SER A 122 10.32 -18.41 12.75
N LEU A 123 9.62 -18.88 13.74
CA LEU A 123 9.88 -20.17 14.34
C LEU A 123 8.96 -21.21 13.77
N ASP A 51 9.40 -3.39 0.03
CA ASP A 51 9.59 -3.99 1.36
C ASP A 51 8.33 -4.70 1.77
N ILE A 52 7.21 -4.01 1.67
CA ILE A 52 5.94 -4.59 2.01
C ILE A 52 5.46 -5.67 1.00
N SER A 53 5.34 -5.31 -0.27
CA SER A 53 4.70 -6.20 -1.24
C SER A 53 5.64 -6.92 -2.21
N GLU A 54 6.63 -6.20 -2.76
CA GLU A 54 7.65 -6.77 -3.71
C GLU A 54 7.15 -7.04 -5.10
N SER A 55 5.94 -6.69 -5.34
CA SER A 55 5.26 -6.86 -6.63
C SER A 55 6.13 -6.33 -7.80
N LEU A 56 6.32 -5.02 -7.87
CA LEU A 56 7.21 -4.36 -8.84
C LEU A 56 7.05 -2.85 -8.64
N ARG A 57 6.31 -2.19 -9.52
CA ARG A 57 6.11 -0.75 -9.39
C ARG A 57 5.17 -0.39 -8.23
N GLN A 58 4.10 -1.13 -8.11
CA GLN A 58 3.13 -0.94 -7.04
C GLN A 58 3.69 -1.49 -5.76
N GLY A 59 4.25 -2.66 -5.86
CA GLY A 59 4.76 -3.33 -4.70
C GLY A 59 6.10 -2.81 -4.24
N GLY A 60 6.54 -1.74 -4.86
CA GLY A 60 7.76 -1.12 -4.48
C GLY A 60 7.73 0.35 -4.69
N GLY A 61 6.81 1.02 -4.06
CA GLY A 61 6.79 2.43 -4.23
C GLY A 61 5.59 3.12 -3.65
N LYS A 62 4.44 2.87 -4.21
CA LYS A 62 3.26 3.61 -3.84
C LYS A 62 2.04 2.76 -3.93
N LEU A 63 0.93 3.18 -3.32
CA LEU A 63 -0.31 2.39 -3.43
C LEU A 63 -1.41 3.27 -3.94
N ASN A 64 -2.10 2.82 -4.96
CA ASN A 64 -3.17 3.65 -5.56
C ASN A 64 -4.33 2.77 -5.77
N PHE A 65 -5.54 3.18 -5.69
CA PHE A 65 -6.68 2.27 -5.99
C PHE A 65 -6.42 1.48 -7.29
N ASP A 66 -6.28 2.20 -8.38
CA ASP A 66 -6.02 1.61 -9.69
C ASP A 66 -4.64 0.98 -9.80
N GLU A 67 -3.68 1.51 -9.07
CA GLU A 67 -2.32 0.93 -9.11
C GLU A 67 -2.17 -0.18 -8.06
N LEU A 68 -2.87 -0.05 -6.94
CA LEU A 68 -2.87 -1.03 -5.84
C LEU A 68 -3.34 -2.34 -6.37
N ARG A 69 -4.16 -2.28 -7.42
CA ARG A 69 -4.64 -3.45 -8.06
C ARG A 69 -3.46 -4.22 -8.52
N GLN A 70 -2.41 -3.59 -8.95
CA GLN A 70 -1.21 -4.31 -9.41
C GLN A 70 -0.76 -5.29 -8.35
N ASP A 71 -1.03 -4.92 -7.13
CA ASP A 71 -0.76 -5.75 -5.99
C ASP A 71 -1.86 -6.82 -5.85
N LEU A 72 -3.09 -6.36 -5.84
CA LEU A 72 -4.27 -7.19 -5.66
C LEU A 72 -5.20 -7.25 -6.88
N LYS A 73 -4.61 -7.42 -8.05
CA LYS A 73 -5.35 -7.50 -9.30
C LYS A 73 -6.34 -8.66 -9.30
N GLY A 74 -7.62 -8.33 -9.28
CA GLY A 74 -8.62 -9.35 -9.33
C GLY A 74 -9.19 -9.66 -7.97
N LYS A 75 -10.22 -8.91 -7.57
CA LYS A 75 -10.84 -9.14 -6.25
C LYS A 75 -12.29 -8.64 -6.17
N GLY A 76 -12.62 -7.61 -6.91
CA GLY A 76 -13.90 -7.00 -6.73
C GLY A 76 -14.72 -7.04 -7.98
N HIS A 77 -15.93 -6.55 -7.90
CA HIS A 77 -16.80 -6.51 -9.05
C HIS A 77 -16.60 -5.22 -9.82
N THR A 78 -17.21 -4.16 -9.35
CA THR A 78 -17.10 -2.89 -10.02
C THR A 78 -16.20 -1.98 -9.19
N ASP A 79 -15.47 -1.11 -9.87
CA ASP A 79 -14.50 -0.16 -9.28
C ASP A 79 -15.14 0.64 -8.15
N ALA A 80 -16.41 0.97 -8.32
CA ALA A 80 -17.16 1.76 -7.32
C ALA A 80 -17.27 1.06 -5.99
N GLU A 81 -17.54 -0.21 -6.05
CA GLU A 81 -17.68 -1.05 -4.88
C GLU A 81 -16.39 -1.14 -4.10
N ILE A 82 -15.32 -1.32 -4.80
CA ILE A 82 -14.00 -1.48 -4.20
C ILE A 82 -13.47 -0.12 -3.73
N GLU A 83 -13.73 0.90 -4.51
CA GLU A 83 -13.25 2.25 -4.22
C GLU A 83 -13.86 2.76 -2.91
N ALA A 84 -15.13 2.55 -2.74
CA ALA A 84 -15.84 2.92 -1.52
C ALA A 84 -15.43 2.03 -0.33
N ILE A 85 -15.45 0.71 -0.55
CA ILE A 85 -15.21 -0.26 0.53
C ILE A 85 -13.86 0.00 1.20
N PHE A 86 -12.84 0.23 0.40
CA PHE A 86 -11.52 0.43 0.93
C PHE A 86 -11.46 1.71 1.77
N THR A 87 -12.20 2.69 1.41
CA THR A 87 -12.15 3.97 2.09
C THR A 87 -12.48 3.79 3.58
N LYS A 88 -13.40 2.89 3.83
CA LYS A 88 -13.82 2.60 5.19
C LYS A 88 -13.05 1.40 5.79
N TYR A 89 -12.86 0.33 5.01
CA TYR A 89 -12.22 -0.90 5.52
C TYR A 89 -10.71 -1.03 5.23
N ASP A 90 -10.19 -0.33 4.24
CA ASP A 90 -8.74 -0.41 3.87
C ASP A 90 -7.86 0.06 5.00
N GLN A 91 -6.63 -0.44 5.00
CA GLN A 91 -5.65 -0.08 5.99
C GLN A 91 -5.44 1.42 6.03
N ASP A 92 -5.30 2.05 4.89
CA ASP A 92 -5.08 3.46 4.92
C ASP A 92 -6.27 4.28 4.44
N GLY A 93 -7.25 3.62 3.83
CA GLY A 93 -8.45 4.34 3.33
C GLY A 93 -8.13 5.38 2.24
N ASP A 94 -6.86 5.51 1.90
CA ASP A 94 -6.40 6.47 0.93
C ASP A 94 -6.39 5.86 -0.44
N GLN A 95 -5.54 4.81 -0.60
CA GLN A 95 -5.42 4.01 -1.84
C GLN A 95 -5.58 4.84 -3.13
N GLU A 96 -4.48 5.44 -3.59
CA GLU A 96 -4.40 6.35 -4.80
C GLU A 96 -3.21 7.31 -4.66
N LEU A 97 -2.31 7.03 -3.71
CA LEU A 97 -1.24 7.99 -3.38
C LEU A 97 0.10 7.53 -3.88
N THR A 98 0.76 8.37 -4.65
CA THR A 98 2.05 8.03 -5.17
C THR A 98 3.16 8.32 -4.16
N GLU A 99 4.36 7.79 -4.43
CA GLU A 99 5.53 7.99 -3.61
C GLU A 99 5.83 9.46 -3.49
N HIS A 100 5.57 10.19 -4.58
CA HIS A 100 5.81 11.63 -4.64
C HIS A 100 4.94 12.33 -3.63
N GLU A 101 3.69 11.92 -3.56
CA GLU A 101 2.71 12.58 -2.67
C GLU A 101 2.97 12.19 -1.23
N HIS A 102 3.22 10.91 -1.05
CA HIS A 102 3.49 10.29 0.24
C HIS A 102 4.78 10.84 0.84
N GLN A 103 5.70 11.20 -0.04
CA GLN A 103 7.00 11.70 0.35
C GLN A 103 6.89 13.05 1.06
N GLN A 104 5.95 13.85 0.63
CA GLN A 104 5.78 15.19 1.17
C GLN A 104 4.89 15.19 2.41
N MET A 105 3.79 14.45 2.35
CA MET A 105 2.72 14.57 3.36
C MET A 105 3.00 13.89 4.70
N ARG A 106 2.78 12.59 4.81
CA ARG A 106 2.94 11.95 6.07
C ARG A 106 4.35 11.59 6.37
N ASP A 107 4.54 11.27 7.59
CA ASP A 107 5.80 11.01 8.14
C ASP A 107 5.71 9.72 8.97
N ASP A 108 6.11 8.62 8.39
CA ASP A 108 6.03 7.30 9.08
C ASP A 108 7.26 7.07 9.92
N LEU A 109 8.41 7.21 9.30
CA LEU A 109 9.71 6.91 9.97
C LEU A 109 10.02 8.02 10.95
N GLU A 110 9.44 9.21 10.72
CA GLU A 110 9.56 10.34 11.64
C GLU A 110 9.07 9.91 13.03
N LYS A 111 8.13 8.97 13.05
CA LYS A 111 7.52 8.63 14.26
C LYS A 111 7.33 7.12 14.37
N GLU A 112 8.42 6.44 14.43
CA GLU A 112 8.47 5.00 14.57
C GLU A 112 9.84 4.68 15.12
N ARG A 113 9.91 3.75 16.02
CA ARG A 113 11.17 3.36 16.57
C ARG A 113 11.53 1.99 16.07
N GLU A 114 12.76 1.86 15.61
CA GLU A 114 13.23 0.63 15.04
C GLU A 114 13.47 -0.41 16.12
N ASP A 115 13.25 -1.65 15.75
CA ASP A 115 13.49 -2.82 16.60
C ASP A 115 15.01 -2.99 16.82
N LEU A 116 15.40 -3.80 17.77
CA LEU A 116 16.78 -3.96 18.08
C LEU A 116 17.35 -5.05 17.22
N ASP A 117 17.78 -4.67 16.07
CA ASP A 117 18.28 -5.60 15.06
C ASP A 117 19.74 -5.30 14.79
N LEU A 118 20.42 -6.11 14.00
CA LEU A 118 21.84 -5.93 13.79
C LEU A 118 22.10 -5.27 12.44
N ASP A 119 21.81 -5.98 11.39
CA ASP A 119 22.11 -5.49 10.04
C ASP A 119 20.86 -5.53 9.17
N HIS A 120 20.55 -6.70 8.71
CA HIS A 120 19.37 -7.00 7.94
C HIS A 120 18.93 -8.35 8.48
N SER A 121 17.70 -8.71 8.32
CA SER A 121 17.19 -9.95 8.93
C SER A 121 15.85 -10.30 8.36
N SER A 122 15.76 -10.19 7.07
CA SER A 122 14.59 -10.58 6.38
C SER A 122 14.56 -12.12 6.33
N LEU A 123 13.87 -12.69 7.26
CA LEU A 123 13.75 -14.11 7.40
C LEU A 123 12.29 -14.41 7.62
N ASP A 51 3.24 -5.45 1.07
CA ASP A 51 4.50 -4.88 1.60
C ASP A 51 5.64 -5.87 1.45
N ILE A 52 5.43 -7.09 1.93
CA ILE A 52 6.44 -8.14 1.89
C ILE A 52 6.71 -8.60 0.42
N SER A 53 5.66 -8.58 -0.39
CA SER A 53 5.76 -9.04 -1.77
C SER A 53 6.13 -7.91 -2.74
N GLU A 54 7.01 -8.24 -3.64
CA GLU A 54 7.53 -7.36 -4.65
C GLU A 54 6.81 -7.55 -5.94
N SER A 55 5.81 -6.84 -6.05
CA SER A 55 5.02 -6.77 -7.25
C SER A 55 5.88 -6.28 -8.43
N LEU A 56 6.31 -5.01 -8.32
CA LEU A 56 7.23 -4.30 -9.22
C LEU A 56 7.06 -2.81 -8.96
N ARG A 57 6.29 -2.13 -9.80
CA ARG A 57 6.08 -0.71 -9.64
C ARG A 57 5.19 -0.35 -8.45
N GLN A 58 4.15 -1.12 -8.26
CA GLN A 58 3.22 -0.91 -7.18
C GLN A 58 3.82 -1.41 -5.89
N GLY A 59 4.32 -2.61 -5.95
CA GLY A 59 4.85 -3.28 -4.76
C GLY A 59 6.18 -2.72 -4.30
N GLY A 60 6.69 -1.79 -5.07
CA GLY A 60 7.92 -1.18 -4.75
C GLY A 60 7.88 0.28 -5.00
N GLY A 61 6.95 0.97 -4.37
CA GLY A 61 6.93 2.38 -4.53
C GLY A 61 5.75 3.08 -3.92
N LYS A 62 4.58 2.86 -4.48
CA LYS A 62 3.43 3.65 -4.10
C LYS A 62 2.19 2.79 -4.16
N LEU A 63 1.10 3.21 -3.50
CA LEU A 63 -0.15 2.42 -3.58
C LEU A 63 -1.28 3.32 -4.06
N ASN A 64 -2.00 2.89 -5.07
CA ASN A 64 -3.10 3.70 -5.66
C ASN A 64 -4.25 2.80 -5.87
N PHE A 65 -5.47 3.19 -5.79
CA PHE A 65 -6.61 2.27 -6.07
C PHE A 65 -6.34 1.43 -7.35
N ASP A 66 -6.25 2.08 -8.49
CA ASP A 66 -5.98 1.39 -9.77
C ASP A 66 -4.57 0.82 -9.85
N GLU A 67 -3.64 1.42 -9.16
CA GLU A 67 -2.28 0.90 -9.18
C GLU A 67 -2.11 -0.21 -8.12
N LEU A 68 -2.77 -0.05 -6.98
CA LEU A 68 -2.75 -1.00 -5.86
C LEU A 68 -3.21 -2.33 -6.34
N ARG A 69 -4.06 -2.32 -7.36
CA ARG A 69 -4.54 -3.53 -7.97
C ARG A 69 -3.38 -4.29 -8.44
N GLN A 70 -2.34 -3.67 -8.92
CA GLN A 70 -1.15 -4.40 -9.38
C GLN A 70 -0.68 -5.34 -8.29
N ASP A 71 -0.91 -4.92 -7.09
CA ASP A 71 -0.59 -5.73 -5.94
C ASP A 71 -1.67 -6.78 -5.72
N LEU A 72 -2.91 -6.34 -5.68
CA LEU A 72 -4.08 -7.17 -5.42
C LEU A 72 -5.05 -7.27 -6.61
N LYS A 73 -4.51 -7.47 -7.80
CA LYS A 73 -5.31 -7.56 -9.03
C LYS A 73 -6.34 -8.69 -8.92
N GLY A 74 -7.60 -8.33 -9.03
CA GLY A 74 -8.65 -9.31 -8.88
C GLY A 74 -9.09 -9.41 -7.41
N LYS A 75 -10.25 -8.83 -7.08
CA LYS A 75 -10.72 -8.80 -5.67
C LYS A 75 -12.14 -8.29 -5.56
N GLY A 76 -12.58 -7.53 -6.55
CA GLY A 76 -13.88 -6.94 -6.45
C GLY A 76 -14.60 -6.96 -7.77
N HIS A 77 -15.87 -6.63 -7.74
CA HIS A 77 -16.68 -6.58 -8.95
C HIS A 77 -16.49 -5.26 -9.67
N THR A 78 -17.12 -4.22 -9.20
CA THR A 78 -16.99 -2.92 -9.83
C THR A 78 -16.06 -2.02 -9.06
N ASP A 79 -15.37 -1.17 -9.79
CA ASP A 79 -14.42 -0.20 -9.25
C ASP A 79 -15.07 0.63 -8.15
N ALA A 80 -16.34 0.94 -8.31
CA ALA A 80 -17.11 1.74 -7.35
C ALA A 80 -17.22 1.05 -6.01
N GLU A 81 -17.47 -0.23 -6.04
CA GLU A 81 -17.60 -1.04 -4.84
C GLU A 81 -16.32 -1.08 -4.06
N ILE A 82 -15.24 -1.28 -4.76
CA ILE A 82 -13.93 -1.45 -4.16
C ILE A 82 -13.38 -0.08 -3.73
N GLU A 83 -13.65 0.93 -4.53
CA GLU A 83 -13.20 2.28 -4.28
C GLU A 83 -13.82 2.83 -2.97
N ALA A 84 -15.08 2.60 -2.79
CA ALA A 84 -15.79 3.00 -1.58
C ALA A 84 -15.36 2.15 -0.37
N ILE A 85 -15.36 0.82 -0.54
CA ILE A 85 -15.10 -0.11 0.55
C ILE A 85 -13.77 0.19 1.21
N PHE A 86 -12.75 0.44 0.41
CA PHE A 86 -11.44 0.66 0.92
C PHE A 86 -11.39 1.97 1.73
N THR A 87 -12.17 2.92 1.35
CA THR A 87 -12.14 4.22 1.98
C THR A 87 -12.45 4.08 3.47
N LYS A 88 -13.35 3.17 3.79
CA LYS A 88 -13.65 2.93 5.18
C LYS A 88 -12.82 1.76 5.76
N TYR A 89 -12.70 0.66 5.01
CA TYR A 89 -12.07 -0.57 5.53
C TYR A 89 -10.57 -0.71 5.23
N ASP A 90 -10.08 -0.02 4.21
CA ASP A 90 -8.64 -0.09 3.82
C ASP A 90 -7.73 0.43 4.92
N GLN A 91 -6.49 -0.02 4.92
CA GLN A 91 -5.49 0.38 5.88
C GLN A 91 -5.37 1.90 5.95
N ASP A 92 -5.29 2.57 4.81
CA ASP A 92 -5.17 4.00 4.85
C ASP A 92 -6.39 4.73 4.39
N GLY A 93 -7.33 4.01 3.78
CA GLY A 93 -8.54 4.66 3.22
C GLY A 93 -8.18 5.70 2.15
N ASP A 94 -6.95 5.64 1.69
CA ASP A 94 -6.42 6.58 0.72
C ASP A 94 -6.40 5.93 -0.62
N GLN A 95 -5.52 4.94 -0.76
CA GLN A 95 -5.41 4.06 -1.95
C GLN A 95 -5.57 4.84 -3.26
N GLU A 96 -4.47 5.47 -3.69
CA GLU A 96 -4.39 6.34 -4.92
C GLU A 96 -3.22 7.34 -4.78
N LEU A 97 -2.24 7.02 -3.97
CA LEU A 97 -1.20 7.98 -3.65
C LEU A 97 0.18 7.49 -4.14
N THR A 98 0.91 8.34 -4.87
CA THR A 98 2.20 7.97 -5.36
C THR A 98 3.26 8.22 -4.28
N GLU A 99 4.48 7.74 -4.52
CA GLU A 99 5.60 7.91 -3.62
C GLU A 99 5.82 9.40 -3.39
N HIS A 100 5.61 10.19 -4.45
CA HIS A 100 5.85 11.62 -4.36
C HIS A 100 4.83 12.30 -3.45
N GLU A 101 3.60 11.80 -3.46
CA GLU A 101 2.55 12.39 -2.59
C GLU A 101 2.71 11.86 -1.12
N HIS A 102 3.12 10.60 -1.03
CA HIS A 102 3.38 9.85 0.23
C HIS A 102 4.54 10.51 0.96
N GLN A 103 5.45 11.11 0.19
CA GLN A 103 6.59 11.80 0.75
C GLN A 103 6.14 12.87 1.72
N GLN A 104 5.06 13.52 1.40
CA GLN A 104 4.53 14.57 2.22
C GLN A 104 3.56 14.03 3.28
N MET A 105 2.71 13.12 2.87
CA MET A 105 1.61 12.69 3.68
C MET A 105 1.88 11.37 4.35
N ARG A 106 2.22 11.43 5.62
CA ARG A 106 2.49 10.32 6.49
C ARG A 106 3.92 10.00 6.65
N ASP A 107 4.18 9.28 7.69
CA ASP A 107 5.51 8.95 8.11
C ASP A 107 5.53 7.50 8.62
N ASP A 108 5.79 6.56 7.73
CA ASP A 108 5.83 5.12 8.09
C ASP A 108 7.12 4.74 8.75
N LEU A 109 8.22 5.08 8.10
CA LEU A 109 9.58 4.72 8.56
C LEU A 109 9.94 5.57 9.77
N GLU A 110 9.26 6.72 9.93
CA GLU A 110 9.40 7.54 11.12
C GLU A 110 9.14 6.72 12.37
N LYS A 111 8.24 5.74 12.25
CA LYS A 111 7.79 5.04 13.40
C LYS A 111 7.69 3.54 13.13
N GLU A 112 8.74 3.00 12.63
CA GLU A 112 8.84 1.60 12.34
C GLU A 112 10.29 1.22 12.54
N ARG A 113 10.53 0.06 13.09
CA ARG A 113 11.88 -0.43 13.23
C ARG A 113 12.07 -1.63 12.30
N GLU A 114 13.22 -1.68 11.63
CA GLU A 114 13.56 -2.79 10.75
C GLU A 114 13.65 -4.07 11.53
N ASP A 115 13.42 -5.15 10.86
CA ASP A 115 13.45 -6.49 11.46
C ASP A 115 14.90 -6.89 11.71
N LEU A 116 15.10 -7.87 12.56
CA LEU A 116 16.43 -8.28 12.87
C LEU A 116 16.75 -9.54 12.10
N ASP A 117 17.28 -9.34 10.92
CA ASP A 117 17.55 -10.42 9.98
C ASP A 117 19.04 -10.67 9.91
N LEU A 118 19.49 -11.61 9.10
CA LEU A 118 20.89 -11.87 8.98
C LEU A 118 21.40 -11.48 7.59
N ASP A 119 20.83 -12.07 6.59
CA ASP A 119 21.26 -11.83 5.19
C ASP A 119 20.08 -11.83 4.22
N HIS A 120 19.58 -13.00 3.96
CA HIS A 120 18.43 -13.24 3.13
C HIS A 120 17.68 -14.33 3.85
N SER A 121 16.40 -14.42 3.68
CA SER A 121 15.59 -15.38 4.42
C SER A 121 14.19 -15.52 3.84
N SER A 122 14.06 -15.20 2.57
CA SER A 122 12.83 -15.41 1.90
C SER A 122 12.97 -16.65 1.07
N LEU A 123 12.21 -17.63 1.38
CA LEU A 123 12.23 -18.86 0.66
C LEU A 123 11.00 -18.93 -0.18
N ASP A 51 2.62 -10.43 -0.38
CA ASP A 51 2.99 -9.85 0.93
C ASP A 51 4.44 -10.16 1.23
N ILE A 52 4.85 -11.41 1.00
CA ILE A 52 6.25 -11.81 1.15
C ILE A 52 7.05 -10.97 0.13
N SER A 53 6.66 -11.06 -1.11
CA SER A 53 7.12 -10.18 -2.11
C SER A 53 5.98 -9.24 -2.43
N GLU A 54 6.27 -8.12 -2.98
CA GLU A 54 5.27 -7.28 -3.49
C GLU A 54 5.54 -7.17 -4.96
N SER A 55 4.63 -6.65 -5.72
CA SER A 55 4.68 -6.77 -7.18
C SER A 55 5.96 -6.23 -7.91
N LEU A 56 6.12 -4.92 -7.99
CA LEU A 56 7.26 -4.30 -8.69
C LEU A 56 7.12 -2.79 -8.58
N ARG A 57 6.39 -2.17 -9.48
CA ARG A 57 6.17 -0.74 -9.38
C ARG A 57 5.21 -0.38 -8.26
N GLN A 58 4.14 -1.14 -8.16
CA GLN A 58 3.16 -0.95 -7.11
C GLN A 58 3.71 -1.44 -5.81
N GLY A 59 4.27 -2.61 -5.87
CA GLY A 59 4.77 -3.23 -4.68
C GLY A 59 6.12 -2.70 -4.26
N GLY A 60 6.63 -1.78 -5.01
CA GLY A 60 7.89 -1.23 -4.70
C GLY A 60 7.90 0.25 -4.74
N GLY A 61 6.90 0.88 -4.18
CA GLY A 61 6.94 2.30 -4.20
C GLY A 61 5.73 3.00 -3.68
N LYS A 62 4.59 2.73 -4.26
CA LYS A 62 3.43 3.50 -3.91
C LYS A 62 2.17 2.67 -3.99
N LEU A 63 1.07 3.13 -3.38
CA LEU A 63 -0.19 2.36 -3.47
C LEU A 63 -1.27 3.25 -4.02
N ASN A 64 -1.98 2.81 -5.02
CA ASN A 64 -3.05 3.64 -5.61
C ASN A 64 -4.21 2.76 -5.81
N PHE A 65 -5.43 3.19 -5.74
CA PHE A 65 -6.58 2.28 -6.04
C PHE A 65 -6.30 1.48 -7.34
N ASP A 66 -6.21 2.15 -8.48
CA ASP A 66 -5.93 1.47 -9.77
C ASP A 66 -4.51 0.90 -9.85
N GLU A 67 -3.58 1.47 -9.11
CA GLU A 67 -2.22 0.92 -9.15
C GLU A 67 -2.08 -0.19 -8.10
N LEU A 68 -2.75 -0.06 -6.96
CA LEU A 68 -2.75 -1.06 -5.88
C LEU A 68 -3.22 -2.36 -6.42
N ARG A 69 -4.07 -2.27 -7.46
CA ARG A 69 -4.58 -3.43 -8.12
C ARG A 69 -3.43 -4.21 -8.61
N GLN A 70 -2.36 -3.58 -9.04
CA GLN A 70 -1.19 -4.30 -9.54
C GLN A 70 -0.76 -5.32 -8.52
N ASP A 71 -0.98 -4.95 -7.29
CA ASP A 71 -0.72 -5.83 -6.21
C ASP A 71 -1.82 -6.87 -6.02
N LEU A 72 -3.05 -6.40 -5.99
CA LEU A 72 -4.24 -7.22 -5.78
C LEU A 72 -5.21 -7.25 -6.98
N LYS A 73 -4.64 -7.39 -8.17
CA LYS A 73 -5.40 -7.43 -9.44
C LYS A 73 -6.46 -8.54 -9.46
N GLY A 74 -7.71 -8.16 -9.33
CA GLY A 74 -8.77 -9.12 -9.44
C GLY A 74 -9.30 -9.54 -8.08
N LYS A 75 -10.27 -8.80 -7.55
CA LYS A 75 -10.84 -9.13 -6.24
C LYS A 75 -12.29 -8.67 -6.08
N GLY A 76 -12.61 -7.56 -6.66
CA GLY A 76 -13.90 -6.99 -6.47
C GLY A 76 -14.72 -7.10 -7.72
N HIS A 77 -15.87 -6.54 -7.70
CA HIS A 77 -16.74 -6.53 -8.86
C HIS A 77 -16.57 -5.23 -9.64
N THR A 78 -17.13 -4.16 -9.15
CA THR A 78 -16.96 -2.87 -9.79
C THR A 78 -16.00 -2.01 -9.01
N ASP A 79 -15.33 -1.14 -9.73
CA ASP A 79 -14.37 -0.18 -9.17
C ASP A 79 -15.02 0.63 -8.08
N ALA A 80 -16.30 0.94 -8.24
CA ALA A 80 -17.06 1.74 -7.28
C ALA A 80 -17.18 1.05 -5.94
N GLU A 81 -17.43 -0.22 -5.97
CA GLU A 81 -17.56 -1.02 -4.79
C GLU A 81 -16.25 -1.08 -4.02
N ILE A 82 -15.19 -1.27 -4.72
CA ILE A 82 -13.87 -1.43 -4.11
C ILE A 82 -13.34 -0.07 -3.66
N GLU A 83 -13.59 0.93 -4.47
CA GLU A 83 -13.13 2.27 -4.21
C GLU A 83 -13.74 2.84 -2.92
N ALA A 84 -15.00 2.62 -2.75
CA ALA A 84 -15.71 3.02 -1.54
C ALA A 84 -15.33 2.16 -0.32
N ILE A 85 -15.34 0.84 -0.50
CA ILE A 85 -15.11 -0.12 0.59
C ILE A 85 -13.77 0.16 1.27
N PHE A 86 -12.73 0.38 0.46
CA PHE A 86 -11.41 0.58 0.99
C PHE A 86 -11.36 1.89 1.81
N THR A 87 -12.12 2.85 1.43
CA THR A 87 -12.07 4.14 2.05
C THR A 87 -12.41 4.00 3.56
N LYS A 88 -13.32 3.11 3.85
CA LYS A 88 -13.71 2.83 5.23
C LYS A 88 -12.92 1.65 5.84
N TYR A 89 -12.73 0.57 5.08
CA TYR A 89 -12.07 -0.63 5.62
C TYR A 89 -10.58 -0.75 5.33
N ASP A 90 -10.07 -0.09 4.31
CA ASP A 90 -8.62 -0.19 3.95
C ASP A 90 -7.76 0.34 5.05
N GLN A 91 -6.54 -0.17 5.11
CA GLN A 91 -5.58 0.20 6.11
C GLN A 91 -5.34 1.71 6.12
N ASP A 92 -5.20 2.32 4.96
CA ASP A 92 -5.02 3.76 4.96
C ASP A 92 -6.21 4.53 4.47
N GLY A 93 -7.19 3.84 3.88
CA GLY A 93 -8.37 4.55 3.30
C GLY A 93 -7.97 5.58 2.25
N ASP A 94 -6.73 5.49 1.82
CA ASP A 94 -6.14 6.42 0.88
C ASP A 94 -6.18 5.84 -0.49
N GLN A 95 -5.40 4.76 -0.66
CA GLN A 95 -5.33 3.93 -1.87
C GLN A 95 -5.48 4.73 -3.12
N GLU A 96 -4.38 5.38 -3.58
CA GLU A 96 -4.30 6.31 -4.78
C GLU A 96 -3.18 7.33 -4.60
N LEU A 97 -2.19 6.98 -3.83
CA LEU A 97 -1.15 7.95 -3.50
C LEU A 97 0.25 7.45 -3.94
N THR A 98 1.00 8.26 -4.70
CA THR A 98 2.32 7.86 -5.14
C THR A 98 3.38 8.16 -4.07
N GLU A 99 4.60 7.61 -4.25
CA GLU A 99 5.72 7.83 -3.36
C GLU A 99 6.00 9.32 -3.27
N HIS A 100 5.79 10.04 -4.38
CA HIS A 100 6.02 11.48 -4.36
C HIS A 100 4.95 12.20 -3.55
N GLU A 101 3.72 11.70 -3.59
CA GLU A 101 2.64 12.33 -2.82
C GLU A 101 2.76 11.98 -1.34
N HIS A 102 3.11 10.72 -1.10
CA HIS A 102 3.33 10.11 0.22
C HIS A 102 4.50 10.78 0.91
N GLN A 103 5.43 11.30 0.13
CA GLN A 103 6.54 12.04 0.65
C GLN A 103 6.04 13.22 1.47
N GLN A 104 5.04 13.89 0.95
CA GLN A 104 4.47 15.08 1.57
C GLN A 104 3.39 14.72 2.58
N MET A 105 2.56 13.79 2.18
CA MET A 105 1.39 13.43 2.87
C MET A 105 1.63 12.11 3.58
N ARG A 106 1.47 12.13 4.87
CA ARG A 106 1.60 11.02 5.79
C ARG A 106 2.91 10.94 6.51
N ASP A 107 2.87 10.24 7.61
CA ASP A 107 3.97 10.12 8.53
C ASP A 107 4.06 8.71 9.12
N ASP A 108 4.73 7.81 8.44
CA ASP A 108 4.93 6.44 8.96
C ASP A 108 6.17 6.34 9.80
N LEU A 109 7.28 6.65 9.20
CA LEU A 109 8.61 6.48 9.86
C LEU A 109 8.80 7.52 10.96
N GLU A 110 7.98 8.57 10.89
CA GLU A 110 7.99 9.62 11.90
C GLU A 110 7.54 9.02 13.24
N LYS A 111 6.69 8.00 13.18
CA LYS A 111 6.06 7.48 14.34
C LYS A 111 5.73 6.02 14.16
N GLU A 112 6.73 5.22 14.02
CA GLU A 112 6.60 3.79 13.83
C GLU A 112 7.99 3.25 13.82
N ARG A 113 8.22 2.33 14.66
CA ARG A 113 9.52 1.77 14.80
C ARG A 113 9.46 0.28 14.56
N GLU A 114 10.35 -0.20 13.74
CA GLU A 114 10.49 -1.62 13.50
C GLU A 114 10.85 -2.34 14.80
N ASP A 115 10.42 -3.57 14.92
CA ASP A 115 10.64 -4.33 16.14
C ASP A 115 12.07 -4.83 16.24
N LEU A 116 12.48 -5.19 17.42
CA LEU A 116 13.82 -5.63 17.65
C LEU A 116 13.82 -7.13 17.49
N ASP A 117 14.00 -7.54 16.28
CA ASP A 117 13.92 -8.95 15.91
C ASP A 117 15.33 -9.48 15.75
N LEU A 118 15.50 -10.74 15.41
CA LEU A 118 16.84 -11.29 15.39
C LEU A 118 17.43 -11.37 13.99
N ASP A 119 16.91 -12.23 13.18
CA ASP A 119 17.51 -12.49 11.86
C ASP A 119 16.83 -11.78 10.72
N HIS A 120 15.58 -12.06 10.58
CA HIS A 120 14.77 -11.43 9.58
C HIS A 120 13.43 -11.16 10.24
N SER A 121 12.41 -10.86 9.48
CA SER A 121 11.10 -10.53 10.06
C SER A 121 10.04 -10.60 8.96
N SER A 122 10.25 -11.54 8.04
CA SER A 122 9.26 -11.82 7.06
C SER A 122 8.51 -13.07 7.52
N LEU A 123 7.27 -13.17 7.16
CA LEU A 123 6.49 -14.33 7.48
C LEU A 123 6.46 -15.19 6.25
N ASP A 51 3.95 -12.15 -2.45
CA ASP A 51 3.49 -12.43 -1.09
C ASP A 51 4.57 -12.20 -0.10
N ILE A 52 5.75 -12.79 -0.32
CA ILE A 52 6.87 -12.53 0.55
C ILE A 52 7.24 -11.03 0.38
N SER A 53 7.38 -10.61 -0.87
CA SER A 53 7.45 -9.21 -1.19
C SER A 53 6.16 -8.83 -1.85
N GLU A 54 6.07 -7.61 -2.24
CA GLU A 54 4.96 -7.16 -2.95
C GLU A 54 5.36 -7.13 -4.41
N SER A 55 4.49 -6.76 -5.28
CA SER A 55 4.67 -7.00 -6.72
C SER A 55 5.96 -6.44 -7.40
N LEU A 56 6.03 -5.12 -7.61
CA LEU A 56 7.18 -4.46 -8.30
C LEU A 56 7.04 -2.95 -8.20
N ARG A 57 6.43 -2.35 -9.21
CA ARG A 57 6.25 -0.90 -9.23
C ARG A 57 5.22 -0.43 -8.22
N GLN A 58 4.16 -1.19 -8.09
CA GLN A 58 3.14 -0.92 -7.12
C GLN A 58 3.59 -1.43 -5.77
N GLY A 59 4.08 -2.64 -5.80
CA GLY A 59 4.50 -3.33 -4.59
C GLY A 59 5.73 -2.69 -3.94
N GLY A 60 6.41 -1.86 -4.68
CA GLY A 60 7.55 -1.23 -4.16
C GLY A 60 7.64 0.19 -4.62
N GLY A 61 6.75 1.00 -4.15
CA GLY A 61 6.81 2.38 -4.48
C GLY A 61 5.68 3.18 -3.90
N LYS A 62 4.48 2.89 -4.35
CA LYS A 62 3.32 3.66 -3.95
C LYS A 62 2.09 2.80 -4.02
N LEU A 63 0.99 3.20 -3.40
CA LEU A 63 -0.26 2.41 -3.50
C LEU A 63 -1.37 3.28 -4.00
N ASN A 64 -2.06 2.86 -5.02
CA ASN A 64 -3.13 3.69 -5.59
C ASN A 64 -4.28 2.82 -5.86
N PHE A 65 -5.50 3.21 -5.79
CA PHE A 65 -6.63 2.30 -6.13
C PHE A 65 -6.35 1.50 -7.43
N ASP A 66 -6.28 2.16 -8.58
CA ASP A 66 -5.99 1.47 -9.86
C ASP A 66 -4.57 0.93 -9.95
N GLU A 67 -3.65 1.53 -9.22
CA GLU A 67 -2.28 1.07 -9.23
C GLU A 67 -2.11 -0.06 -8.22
N LEU A 68 -2.78 0.04 -7.08
CA LEU A 68 -2.76 -0.96 -6.00
C LEU A 68 -3.21 -2.27 -6.55
N ARG A 69 -4.06 -2.20 -7.58
CA ARG A 69 -4.55 -3.36 -8.26
C ARG A 69 -3.38 -4.10 -8.76
N GLN A 70 -2.35 -3.44 -9.21
CA GLN A 70 -1.15 -4.13 -9.72
C GLN A 70 -0.67 -5.14 -8.71
N ASP A 71 -0.91 -4.80 -7.48
CA ASP A 71 -0.59 -5.67 -6.38
C ASP A 71 -1.66 -6.74 -6.22
N LEU A 72 -2.90 -6.30 -6.15
CA LEU A 72 -4.07 -7.14 -5.95
C LEU A 72 -5.04 -7.18 -7.14
N LYS A 73 -4.49 -7.30 -8.34
CA LYS A 73 -5.30 -7.33 -9.55
C LYS A 73 -6.31 -8.50 -9.53
N GLY A 74 -7.57 -8.17 -9.64
CA GLY A 74 -8.60 -9.17 -9.58
C GLY A 74 -9.01 -9.43 -8.14
N LYS A 75 -10.16 -8.90 -7.70
CA LYS A 75 -10.55 -9.03 -6.28
C LYS A 75 -12.00 -8.60 -6.03
N GLY A 76 -12.49 -7.68 -6.85
CA GLY A 76 -13.77 -7.09 -6.57
C GLY A 76 -14.69 -7.18 -7.75
N HIS A 77 -15.91 -6.75 -7.57
CA HIS A 77 -16.90 -6.76 -8.62
C HIS A 77 -16.81 -5.49 -9.45
N THR A 78 -17.30 -4.40 -8.91
CA THR A 78 -17.15 -3.13 -9.59
C THR A 78 -16.18 -2.23 -8.87
N ASP A 79 -15.50 -1.41 -9.64
CA ASP A 79 -14.51 -0.45 -9.15
C ASP A 79 -15.11 0.43 -8.08
N ALA A 80 -16.38 0.75 -8.24
CA ALA A 80 -17.13 1.60 -7.31
C ALA A 80 -17.24 0.97 -5.94
N GLU A 81 -17.51 -0.31 -5.92
CA GLU A 81 -17.63 -1.06 -4.69
C GLU A 81 -16.33 -1.11 -3.94
N ILE A 82 -15.27 -1.32 -4.67
CA ILE A 82 -13.95 -1.47 -4.08
C ILE A 82 -13.39 -0.10 -3.67
N GLU A 83 -13.67 0.89 -4.49
CA GLU A 83 -13.21 2.25 -4.27
C GLU A 83 -13.81 2.82 -2.97
N ALA A 84 -15.07 2.60 -2.76
CA ALA A 84 -15.77 3.01 -1.54
C ALA A 84 -15.32 2.18 -0.33
N ILE A 85 -15.33 0.84 -0.50
CA ILE A 85 -15.08 -0.09 0.61
C ILE A 85 -13.75 0.20 1.24
N PHE A 86 -12.72 0.40 0.41
CA PHE A 86 -11.39 0.61 0.93
C PHE A 86 -11.31 1.92 1.73
N THR A 87 -12.08 2.88 1.35
CA THR A 87 -12.01 4.17 1.98
C THR A 87 -12.32 4.04 3.48
N LYS A 88 -13.26 3.17 3.79
CA LYS A 88 -13.62 2.96 5.17
C LYS A 88 -12.85 1.77 5.78
N TYR A 89 -12.74 0.67 5.03
CA TYR A 89 -12.16 -0.57 5.54
C TYR A 89 -10.66 -0.77 5.25
N ASP A 90 -10.13 -0.11 4.23
CA ASP A 90 -8.70 -0.27 3.87
C ASP A 90 -7.82 0.23 4.98
N GLN A 91 -6.62 -0.30 5.03
CA GLN A 91 -5.64 0.05 6.01
C GLN A 91 -5.41 1.57 6.03
N ASP A 92 -5.24 2.21 4.89
CA ASP A 92 -5.04 3.65 4.92
C ASP A 92 -6.21 4.45 4.42
N GLY A 93 -7.20 3.79 3.82
CA GLY A 93 -8.38 4.50 3.27
C GLY A 93 -8.01 5.54 2.20
N ASP A 94 -6.76 5.51 1.79
CA ASP A 94 -6.21 6.44 0.85
C ASP A 94 -6.21 5.83 -0.51
N GLN A 95 -5.40 4.78 -0.67
CA GLN A 95 -5.32 3.95 -1.89
C GLN A 95 -5.47 4.77 -3.17
N GLU A 96 -4.39 5.41 -3.56
CA GLU A 96 -4.32 6.36 -4.74
C GLU A 96 -3.14 7.33 -4.53
N LEU A 97 -2.25 7.04 -3.59
CA LEU A 97 -1.22 8.01 -3.25
C LEU A 97 0.13 7.56 -3.77
N THR A 98 0.77 8.38 -4.55
CA THR A 98 2.04 8.02 -5.10
C THR A 98 3.16 8.30 -4.10
N GLU A 99 4.37 7.79 -4.38
CA GLU A 99 5.55 8.01 -3.57
C GLU A 99 5.78 9.49 -3.48
N HIS A 100 5.53 10.21 -4.58
CA HIS A 100 5.77 11.63 -4.58
C HIS A 100 4.83 12.36 -3.64
N GLU A 101 3.58 11.89 -3.56
CA GLU A 101 2.62 12.53 -2.64
C GLU A 101 2.89 12.11 -1.20
N HIS A 102 3.19 10.84 -1.04
CA HIS A 102 3.49 10.18 0.24
C HIS A 102 4.78 10.75 0.85
N GLN A 103 5.69 11.22 0.00
CA GLN A 103 6.91 11.85 0.47
C GLN A 103 6.57 13.03 1.37
N GLN A 104 5.57 13.77 0.97
CA GLN A 104 5.14 14.97 1.68
C GLN A 104 4.13 14.63 2.77
N MET A 105 3.21 13.77 2.42
CA MET A 105 2.08 13.45 3.22
C MET A 105 2.27 12.10 3.87
N ARG A 106 2.32 12.12 5.17
CA ARG A 106 2.48 10.96 6.05
C ARG A 106 3.86 10.72 6.54
N ASP A 107 3.89 10.15 7.70
CA ASP A 107 5.10 9.84 8.42
C ASP A 107 5.02 8.44 9.01
N ASP A 108 5.42 7.44 8.26
CA ASP A 108 5.40 6.04 8.76
C ASP A 108 6.71 5.69 9.46
N LEU A 109 7.82 6.00 8.80
CA LEU A 109 9.17 5.66 9.30
C LEU A 109 9.50 6.57 10.48
N GLU A 110 8.83 7.73 10.53
CA GLU A 110 8.95 8.65 11.66
C GLU A 110 8.68 7.93 12.99
N LYS A 111 7.83 6.90 12.94
CA LYS A 111 7.33 6.32 14.17
C LYS A 111 7.31 4.80 14.13
N GLU A 112 8.38 4.25 13.73
CA GLU A 112 8.52 2.81 13.64
C GLU A 112 10.01 2.47 13.63
N ARG A 113 10.37 1.35 14.24
CA ARG A 113 11.75 0.88 14.22
C ARG A 113 11.87 -0.38 13.36
N GLU A 114 12.89 -0.41 12.52
CA GLU A 114 13.15 -1.54 11.65
C GLU A 114 13.87 -2.65 12.37
N ASP A 115 13.69 -3.85 11.87
CA ASP A 115 14.38 -5.03 12.38
C ASP A 115 15.80 -5.02 11.86
N LEU A 116 16.66 -5.77 12.47
CA LEU A 116 18.02 -5.82 12.08
C LEU A 116 18.14 -6.91 11.03
N ASP A 117 17.98 -6.50 9.81
CA ASP A 117 17.92 -7.40 8.66
C ASP A 117 19.30 -7.44 8.01
N LEU A 118 19.42 -8.13 6.92
CA LEU A 118 20.69 -8.25 6.22
C LEU A 118 20.62 -7.51 4.88
N ASP A 119 19.56 -7.72 4.14
CA ASP A 119 19.50 -7.16 2.77
C ASP A 119 18.10 -6.68 2.34
N HIS A 120 17.23 -7.61 2.10
CA HIS A 120 15.87 -7.32 1.57
C HIS A 120 14.78 -8.21 2.26
N SER A 121 13.96 -8.82 1.48
CA SER A 121 12.91 -9.73 1.96
C SER A 121 12.46 -10.56 0.79
N SER A 122 13.47 -10.78 -0.05
CA SER A 122 13.50 -11.64 -1.24
C SER A 122 14.90 -11.54 -1.88
N LEU A 123 15.58 -12.67 -2.03
CA LEU A 123 16.83 -12.74 -2.79
C LEU A 123 16.66 -13.84 -3.79
#